data_3FK4
#
_entry.id   3FK4
#
_cell.length_a   76.922
_cell.length_b   115.669
_cell.length_c   116.436
_cell.angle_alpha   90.00
_cell.angle_beta   90.00
_cell.angle_gamma   90.00
#
_symmetry.space_group_name_H-M   'P 21 21 21'
#
loop_
_entity.id
_entity.type
_entity.pdbx_description
1 polymer 'RuBisCO-like protein'
2 water water
#
_entity_poly.entity_id   1
_entity_poly.type   'polypeptide(L)'
_entity_poly.pdbx_seq_one_letter_code
;MSGIIATYLIHDDSHNLEKKAEQIALGLTIGSWTHLPHLLQEQLKQHKGNVIHVEELAEHEHTNSYLRKKVKRGIIKIEY
PLLNFSPDLPAILTTTFGKLSLDGEVKLIDLTFSDELKKHFPGPKFGIDGIRNLLQVHDRPLLMSIFKGMIGRNIGYLKT
QLRDQAIGGVDIVKDDEILFENALTPLTKRIVSGKEVLQSVYETYGHKTLYAVNLTGRTFDLKENAKRAVQAGADILLFN
VFAYGLDVLQSLAEDDEIPVPIMAHPAVSGAYSASKLYGVSSPLLLGKLLRYAGADFSLFPSPYGSVALEKEEALAISKY
LTEDDASFKKSFSVPSAGIHPGFVPFIVRDFGKDVVINAGGGIHGHPNGAQGGGKAFRTAIDATLQNKPLHEVDDINLHS
ALQIWGNPSYEVKL
;
_entity_poly.pdbx_strand_id   A,B
#
# COMPACT_ATOMS: atom_id res chain seq x y z
N GLY A 3 4.08 -20.23 14.75
CA GLY A 3 3.52 -18.90 14.35
C GLY A 3 3.74 -18.60 12.88
N ILE A 4 4.69 -17.72 12.59
CA ILE A 4 4.98 -17.37 11.22
C ILE A 4 6.47 -17.13 11.03
N ILE A 5 6.98 -17.56 9.89
CA ILE A 5 8.39 -17.38 9.58
C ILE A 5 8.54 -16.37 8.47
N ALA A 6 9.25 -15.29 8.75
CA ALA A 6 9.46 -14.27 7.75
C ALA A 6 10.85 -14.48 7.17
N THR A 7 10.94 -14.47 5.84
CA THR A 7 12.22 -14.63 5.16
C THR A 7 12.61 -13.28 4.59
N TYR A 8 13.75 -12.75 5.04
CA TYR A 8 14.23 -11.44 4.59
C TYR A 8 15.50 -11.54 3.75
N LEU A 9 15.63 -10.63 2.80
CA LEU A 9 16.81 -10.54 1.95
C LEU A 9 17.45 -9.24 2.43
N ILE A 10 18.63 -9.34 3.03
CA ILE A 10 19.28 -8.16 3.56
C ILE A 10 20.66 -7.83 2.98
N HIS A 11 20.93 -6.54 2.85
CA HIS A 11 22.22 -6.07 2.37
C HIS A 11 22.87 -5.41 3.59
N ASP A 12 23.42 -6.26 4.45
CA ASP A 12 24.05 -5.86 5.69
C ASP A 12 25.36 -5.07 5.55
N ASP A 13 25.34 -3.82 6.01
CA ASP A 13 26.52 -2.96 5.94
C ASP A 13 27.48 -3.20 7.10
N SER A 14 27.04 -3.97 8.09
CA SER A 14 27.87 -4.28 9.26
C SER A 14 28.63 -5.58 9.05
N HIS A 15 28.32 -6.28 7.97
CA HIS A 15 28.99 -7.53 7.62
C HIS A 15 28.90 -8.66 8.66
N ASN A 16 27.86 -8.65 9.49
CA ASN A 16 27.68 -9.70 10.48
C ASN A 16 26.24 -10.20 10.44
N LEU A 17 25.95 -11.05 9.46
CA LEU A 17 24.60 -11.60 9.29
C LEU A 17 24.05 -12.25 10.56
N GLU A 18 24.89 -12.98 11.27
CA GLU A 18 24.46 -13.63 12.50
C GLU A 18 23.94 -12.62 13.51
N LYS A 19 24.78 -11.64 13.83
CA LYS A 19 24.42 -10.60 14.80
C LYS A 19 23.19 -9.81 14.37
N LYS A 20 23.18 -9.36 13.12
CA LYS A 20 22.05 -8.60 12.61
C LYS A 20 20.77 -9.42 12.73
N ALA A 21 20.84 -10.68 12.31
CA ALA A 21 19.68 -11.55 12.39
C ALA A 21 19.13 -11.58 13.81
N GLU A 22 20.03 -11.72 14.79
CA GLU A 22 19.61 -11.77 16.17
C GLU A 22 19.04 -10.45 16.70
N GLN A 23 19.54 -9.34 16.17
CA GLN A 23 19.05 -8.04 16.60
C GLN A 23 17.63 -7.81 16.11
N ILE A 24 17.36 -8.30 14.90
CA ILE A 24 16.02 -8.17 14.34
C ILE A 24 15.09 -9.06 15.13
N ALA A 25 15.52 -10.30 15.37
CA ALA A 25 14.71 -11.25 16.12
C ALA A 25 14.29 -10.70 17.49
N LEU A 26 15.20 -9.98 18.15
CA LEU A 26 14.90 -9.40 19.46
C LEU A 26 14.18 -8.08 19.34
N GLY A 27 14.70 -7.20 18.49
CA GLY A 27 14.11 -5.89 18.30
C GLY A 27 12.65 -5.88 17.88
N LEU A 28 12.23 -6.90 17.13
CA LEU A 28 10.84 -6.96 16.68
C LEU A 28 9.94 -7.78 17.60
N THR A 29 10.49 -8.24 18.72
CA THR A 29 9.69 -9.01 19.67
C THR A 29 9.78 -8.44 21.08
N ILE A 30 10.54 -9.09 21.95
CA ILE A 30 10.66 -8.65 23.34
C ILE A 30 11.72 -7.58 23.58
N GLY A 31 12.51 -7.25 22.56
CA GLY A 31 13.53 -6.23 22.72
C GLY A 31 14.78 -6.73 23.43
N GLU A 42 11.24 -14.30 32.07
CA GLU A 42 10.84 -15.70 32.00
C GLU A 42 9.60 -15.80 31.13
N GLN A 43 8.51 -15.20 31.59
CA GLN A 43 7.25 -15.21 30.87
C GLN A 43 7.38 -14.44 29.55
N LEU A 44 8.58 -13.90 29.31
CA LEU A 44 8.84 -13.13 28.11
C LEU A 44 9.34 -14.02 26.96
N LYS A 45 10.03 -15.10 27.30
CA LYS A 45 10.55 -16.02 26.29
C LYS A 45 9.42 -16.51 25.39
N GLN A 46 8.20 -16.47 25.92
CA GLN A 46 7.01 -16.91 25.21
C GLN A 46 6.71 -16.05 23.97
N HIS A 47 7.27 -14.83 23.94
CA HIS A 47 7.05 -13.93 22.81
C HIS A 47 8.34 -13.65 22.06
N LYS A 48 9.42 -14.28 22.48
CA LYS A 48 10.72 -14.08 21.85
C LYS A 48 10.78 -14.58 20.42
N GLY A 49 11.38 -13.78 19.56
CA GLY A 49 11.53 -14.15 18.17
C GLY A 49 12.73 -15.09 18.05
N ASN A 50 12.67 -16.04 17.12
CA ASN A 50 13.75 -16.99 16.95
C ASN A 50 14.39 -16.97 15.57
N VAL A 51 15.71 -16.88 15.53
CA VAL A 51 16.42 -16.90 14.25
C VAL A 51 16.44 -18.34 13.79
N ILE A 52 15.74 -18.62 12.70
CA ILE A 52 15.65 -19.98 12.18
C ILE A 52 16.78 -20.32 11.22
N HIS A 53 17.22 -19.34 10.44
CA HIS A 53 18.26 -19.62 9.48
C HIS A 53 18.94 -18.37 8.94
N VAL A 54 20.22 -18.52 8.59
CA VAL A 54 20.99 -17.43 8.03
C VAL A 54 21.69 -18.03 6.83
N GLU A 55 21.61 -17.35 5.69
CA GLU A 55 22.22 -17.85 4.46
C GLU A 55 23.05 -16.78 3.81
N GLU A 56 24.36 -17.00 3.73
CA GLU A 56 25.24 -16.03 3.10
C GLU A 56 25.03 -16.10 1.60
N LEU A 57 25.08 -14.94 0.95
CA LEU A 57 24.89 -14.86 -0.49
C LEU A 57 26.07 -14.16 -1.15
N ALA A 58 26.18 -14.31 -2.47
CA ALA A 58 27.27 -13.70 -3.22
C ALA A 58 27.27 -12.18 -3.12
N GLU A 59 28.46 -11.59 -3.14
CA GLU A 59 28.59 -10.15 -3.05
C GLU A 59 28.34 -9.49 -4.40
N HIS A 60 27.76 -8.30 -4.37
CA HIS A 60 27.46 -7.55 -5.59
C HIS A 60 28.16 -6.19 -5.55
N GLU A 61 29.23 -6.07 -6.34
CA GLU A 61 30.00 -4.83 -6.39
C GLU A 61 29.19 -3.67 -6.97
N HIS A 62 28.29 -3.97 -7.90
CA HIS A 62 27.47 -2.92 -8.50
C HIS A 62 26.58 -2.28 -7.44
N THR A 63 26.11 -3.09 -6.49
CA THR A 63 25.25 -2.59 -5.43
C THR A 63 26.10 -1.80 -4.44
N ASN A 64 27.31 -2.30 -4.17
CA ASN A 64 28.22 -1.61 -3.25
C ASN A 64 28.47 -0.22 -3.80
N SER A 65 28.65 -0.14 -5.11
CA SER A 65 28.89 1.14 -5.76
C SER A 65 27.67 2.03 -5.68
N TYR A 66 26.50 1.46 -5.96
CA TYR A 66 25.26 2.21 -5.91
C TYR A 66 24.99 2.76 -4.50
N LEU A 67 25.28 1.95 -3.49
CA LEU A 67 25.06 2.35 -2.11
C LEU A 67 26.25 3.06 -1.50
N ARG A 68 27.33 3.21 -2.26
CA ARG A 68 28.53 3.86 -1.76
C ARG A 68 28.94 3.28 -0.40
N LYS A 69 28.95 1.95 -0.34
CA LYS A 69 29.30 1.24 0.90
C LYS A 69 29.34 -0.25 0.59
N LYS A 70 30.21 -0.98 1.28
CA LYS A 70 30.32 -2.41 1.08
C LYS A 70 29.21 -3.06 1.91
N VAL A 71 28.45 -3.96 1.27
CA VAL A 71 27.37 -4.64 1.97
C VAL A 71 27.46 -6.15 1.79
N LYS A 72 27.15 -6.86 2.87
CA LYS A 72 27.17 -8.32 2.84
C LYS A 72 25.73 -8.79 2.62
N ARG A 73 25.52 -9.55 1.55
CA ARG A 73 24.20 -10.06 1.21
C ARG A 73 23.91 -11.39 1.90
N GLY A 74 22.63 -11.59 2.23
CA GLY A 74 22.25 -12.82 2.89
C GLY A 74 20.75 -12.92 3.10
N ILE A 75 20.30 -14.12 3.42
CA ILE A 75 18.89 -14.35 3.66
C ILE A 75 18.73 -14.76 5.12
N ILE A 76 17.81 -14.08 5.80
CA ILE A 76 17.55 -14.35 7.19
C ILE A 76 16.11 -14.83 7.39
N LYS A 77 15.94 -15.90 8.16
CA LYS A 77 14.62 -16.42 8.46
C LYS A 77 14.35 -16.31 9.95
N ILE A 78 13.30 -15.59 10.32
CA ILE A 78 12.95 -15.39 11.72
C ILE A 78 11.54 -15.87 12.02
N GLU A 79 11.39 -16.58 13.14
CA GLU A 79 10.09 -17.10 13.57
C GLU A 79 9.48 -16.24 14.67
N TYR A 80 8.28 -15.71 14.39
CA TYR A 80 7.55 -14.89 15.35
C TYR A 80 6.42 -15.71 15.92
N PRO A 81 6.37 -15.85 17.26
CA PRO A 81 5.33 -16.63 17.93
C PRO A 81 3.93 -16.14 17.57
N LEU A 82 3.01 -17.08 17.44
CA LEU A 82 1.61 -16.80 17.10
C LEU A 82 1.00 -15.83 18.14
N LEU A 83 1.43 -15.94 19.39
CA LEU A 83 0.91 -15.09 20.46
C LEU A 83 1.27 -13.62 20.28
N ASN A 84 2.18 -13.32 19.35
CA ASN A 84 2.62 -11.95 19.16
C ASN A 84 1.81 -11.08 18.20
N PHE A 85 0.81 -11.64 17.53
CA PHE A 85 0.04 -10.83 16.59
C PHE A 85 -1.33 -11.40 16.30
N SER A 86 -2.27 -10.53 15.91
CA SER A 86 -3.60 -10.99 15.57
C SER A 86 -3.45 -11.70 14.21
N PRO A 87 -4.22 -12.76 13.99
CA PRO A 87 -4.11 -13.50 12.74
C PRO A 87 -4.72 -12.89 11.48
N ASP A 88 -4.23 -11.73 11.07
CA ASP A 88 -4.71 -11.08 9.84
C ASP A 88 -3.52 -10.42 9.16
N LEU A 89 -3.65 -10.10 7.88
CA LEU A 89 -2.55 -9.52 7.14
C LEU A 89 -2.03 -8.16 7.60
N PRO A 90 -2.92 -7.25 8.04
CA PRO A 90 -2.37 -5.96 8.50
C PRO A 90 -1.45 -6.15 9.71
N ALA A 91 -1.86 -7.00 10.65
CA ALA A 91 -1.07 -7.24 11.86
C ALA A 91 0.21 -8.01 11.51
N ILE A 92 0.09 -8.99 10.62
CA ILE A 92 1.24 -9.78 10.18
C ILE A 92 2.28 -8.92 9.47
N LEU A 93 1.84 -8.06 8.55
CA LEU A 93 2.77 -7.19 7.85
C LEU A 93 3.40 -6.18 8.81
N THR A 94 2.61 -5.69 9.75
CA THR A 94 3.11 -4.73 10.72
C THR A 94 4.18 -5.37 11.63
N THR A 95 3.92 -6.57 12.08
CA THR A 95 4.84 -7.28 12.96
C THR A 95 6.13 -7.66 12.24
N THR A 96 5.99 -8.23 11.05
CA THR A 96 7.17 -8.67 10.32
C THR A 96 7.91 -7.63 9.49
N PHE A 97 7.25 -6.52 9.15
CA PHE A 97 7.91 -5.53 8.31
C PHE A 97 7.58 -4.06 8.61
N GLY A 98 6.83 -3.80 9.68
CA GLY A 98 6.49 -2.42 9.99
C GLY A 98 7.71 -1.55 10.20
N LYS A 99 8.57 -1.99 11.13
CA LYS A 99 9.81 -1.27 11.44
C LYS A 99 10.88 -1.48 10.36
N LEU A 100 11.12 -2.73 9.97
CA LEU A 100 12.13 -3.02 8.96
C LEU A 100 11.93 -2.30 7.62
N SER A 101 10.69 -1.94 7.31
CA SER A 101 10.41 -1.28 6.05
C SER A 101 11.10 0.08 5.94
N LEU A 102 11.50 0.62 7.09
CA LEU A 102 12.17 1.92 7.14
C LEU A 102 13.57 1.82 7.73
N ASP A 103 14.04 0.59 7.94
CA ASP A 103 15.36 0.41 8.54
C ASP A 103 16.54 0.32 7.56
N GLY A 104 16.26 0.36 6.26
CA GLY A 104 17.34 0.28 5.28
C GLY A 104 17.20 -0.79 4.22
N GLU A 105 18.34 -1.33 3.79
CA GLU A 105 18.36 -2.37 2.76
C GLU A 105 17.88 -3.72 3.27
N VAL A 106 16.57 -3.87 3.35
CA VAL A 106 15.96 -5.12 3.79
C VAL A 106 14.66 -5.28 3.01
N LYS A 107 14.45 -6.48 2.47
CA LYS A 107 13.25 -6.74 1.69
C LYS A 107 12.59 -8.01 2.18
N LEU A 108 11.26 -7.98 2.32
CA LEU A 108 10.51 -9.15 2.75
C LEU A 108 10.28 -10.02 1.52
N ILE A 109 10.84 -11.23 1.53
CA ILE A 109 10.73 -12.13 0.39
C ILE A 109 9.65 -13.20 0.52
N ASP A 110 9.45 -13.71 1.72
CA ASP A 110 8.44 -14.74 1.91
C ASP A 110 7.96 -14.76 3.34
N LEU A 111 6.81 -15.39 3.53
CA LEU A 111 6.18 -15.55 4.82
C LEU A 111 5.65 -16.98 4.83
N THR A 112 6.09 -17.76 5.79
CA THR A 112 5.67 -19.15 5.91
C THR A 112 4.68 -19.25 7.07
N PHE A 113 3.42 -19.46 6.73
CA PHE A 113 2.36 -19.58 7.72
C PHE A 113 2.25 -21.00 8.25
N SER A 114 2.13 -21.12 9.57
CA SER A 114 2.00 -22.44 10.18
C SER A 114 0.62 -22.95 9.79
N ASP A 115 0.38 -24.25 9.91
CA ASP A 115 -0.92 -24.82 9.56
C ASP A 115 -2.02 -24.23 10.44
N GLU A 116 -1.66 -23.90 11.67
CA GLU A 116 -2.60 -23.32 12.60
C GLU A 116 -3.00 -21.91 12.11
N LEU A 117 -2.01 -21.12 11.69
CA LEU A 117 -2.28 -19.77 11.23
C LEU A 117 -3.11 -19.73 9.93
N LYS A 118 -2.83 -20.67 9.03
CA LYS A 118 -3.55 -20.76 7.76
C LYS A 118 -5.04 -20.95 7.94
N LYS A 119 -5.41 -21.54 9.07
CA LYS A 119 -6.81 -21.77 9.37
C LYS A 119 -7.63 -20.48 9.48
N HIS A 120 -6.96 -19.36 9.68
CA HIS A 120 -7.66 -18.08 9.82
C HIS A 120 -7.92 -17.35 8.50
N PHE A 121 -7.46 -17.94 7.40
CA PHE A 121 -7.64 -17.32 6.09
C PHE A 121 -8.56 -18.18 5.23
N PRO A 122 -9.32 -17.54 4.34
CA PRO A 122 -10.26 -18.26 3.48
C PRO A 122 -9.74 -18.99 2.24
N GLY A 123 -8.73 -18.43 1.59
CA GLY A 123 -8.27 -19.02 0.36
C GLY A 123 -9.36 -18.67 -0.66
N PRO A 124 -9.18 -18.99 -1.95
CA PRO A 124 -10.19 -18.68 -2.97
C PRO A 124 -11.54 -19.36 -2.74
N LYS A 125 -12.64 -18.70 -3.12
CA LYS A 125 -13.96 -19.32 -2.96
C LYS A 125 -14.13 -20.40 -4.03
N PHE A 126 -13.66 -20.08 -5.24
CA PHE A 126 -13.80 -20.97 -6.40
C PHE A 126 -12.53 -21.72 -6.78
N GLY A 127 -11.42 -21.00 -6.88
CA GLY A 127 -10.19 -21.65 -7.27
C GLY A 127 -10.26 -22.14 -8.71
N ILE A 128 -9.21 -22.83 -9.14
CA ILE A 128 -9.15 -23.33 -10.50
C ILE A 128 -10.34 -24.22 -10.85
N ASP A 129 -10.65 -25.18 -9.99
CA ASP A 129 -11.76 -26.09 -10.25
C ASP A 129 -13.11 -25.39 -10.27
N GLY A 130 -13.30 -24.44 -9.37
CA GLY A 130 -14.56 -23.71 -9.31
C GLY A 130 -14.77 -22.87 -10.54
N ILE A 131 -13.70 -22.26 -11.03
CA ILE A 131 -13.78 -21.43 -12.23
C ILE A 131 -14.08 -22.31 -13.46
N ARG A 132 -13.36 -23.42 -13.59
CA ARG A 132 -13.58 -24.32 -14.71
C ARG A 132 -15.02 -24.85 -14.71
N ASN A 133 -15.55 -25.19 -13.54
CA ASN A 133 -16.92 -25.69 -13.46
C ASN A 133 -17.89 -24.58 -13.82
N LEU A 134 -17.60 -23.39 -13.35
CA LEU A 134 -18.42 -22.23 -13.62
C LEU A 134 -18.49 -21.98 -15.13
N LEU A 135 -17.34 -22.04 -15.79
CA LEU A 135 -17.29 -21.83 -17.24
C LEU A 135 -17.59 -23.09 -18.05
N GLN A 136 -17.42 -24.25 -17.42
CA GLN A 136 -17.60 -25.53 -18.09
C GLN A 136 -16.55 -25.71 -19.19
N VAL A 137 -15.32 -25.36 -18.85
CA VAL A 137 -14.15 -25.50 -19.72
C VAL A 137 -13.24 -26.31 -18.81
N HIS A 138 -13.15 -27.61 -19.09
CA HIS A 138 -12.42 -28.52 -18.21
C HIS A 138 -10.94 -28.86 -18.40
N ASP A 139 -10.39 -28.68 -19.59
CA ASP A 139 -8.99 -29.03 -19.79
C ASP A 139 -8.10 -27.91 -20.29
N ARG A 140 -8.52 -27.27 -21.37
CA ARG A 140 -7.74 -26.19 -21.99
C ARG A 140 -7.55 -24.92 -21.18
N PRO A 141 -6.49 -24.16 -21.51
CA PRO A 141 -6.20 -22.90 -20.83
C PRO A 141 -7.39 -21.99 -21.16
N LEU A 142 -7.68 -21.05 -20.27
CA LEU A 142 -8.80 -20.13 -20.50
C LEU A 142 -8.31 -18.96 -21.33
N LEU A 143 -9.25 -18.22 -21.90
CA LEU A 143 -8.90 -17.06 -22.72
C LEU A 143 -9.61 -15.82 -22.20
N MET A 144 -8.84 -14.75 -22.01
CA MET A 144 -9.42 -13.52 -21.52
C MET A 144 -8.96 -12.38 -22.40
N SER A 145 -9.79 -11.35 -22.50
CA SER A 145 -9.43 -10.16 -23.26
C SER A 145 -9.97 -8.96 -22.50
N ILE A 146 -9.69 -7.78 -23.02
CA ILE A 146 -10.10 -6.55 -22.35
C ILE A 146 -10.71 -5.53 -23.30
N PHE A 147 -11.66 -4.75 -22.80
CA PHE A 147 -12.27 -3.69 -23.60
C PHE A 147 -11.16 -2.70 -23.93
N LYS A 148 -11.27 -2.04 -25.08
CA LYS A 148 -10.25 -1.06 -25.46
C LYS A 148 -10.93 0.27 -25.75
N GLY A 149 -10.49 1.32 -25.04
CA GLY A 149 -11.04 2.66 -25.24
C GLY A 149 -12.44 2.91 -24.69
N MET A 150 -12.75 2.38 -23.51
CA MET A 150 -14.06 2.54 -22.87
C MET A 150 -14.34 3.95 -22.37
N ILE A 151 -13.31 4.63 -21.89
CA ILE A 151 -13.48 5.98 -21.36
C ILE A 151 -14.08 6.94 -22.37
N GLY A 152 -15.16 7.61 -21.96
CA GLY A 152 -15.82 8.56 -22.84
C GLY A 152 -16.82 7.92 -23.79
N ARG A 153 -16.87 6.59 -23.85
CA ARG A 153 -17.80 5.93 -24.76
C ARG A 153 -19.04 5.45 -24.01
N ASN A 154 -20.15 5.28 -24.71
CA ASN A 154 -21.38 4.87 -24.05
C ASN A 154 -21.60 3.36 -23.91
N ILE A 155 -22.75 3.01 -23.34
CA ILE A 155 -23.08 1.61 -23.09
C ILE A 155 -23.20 0.83 -24.41
N GLY A 156 -23.69 1.48 -25.47
CA GLY A 156 -23.80 0.78 -26.75
C GLY A 156 -22.45 0.34 -27.26
N TYR A 157 -21.43 1.16 -27.03
CA TYR A 157 -20.07 0.85 -27.46
C TYR A 157 -19.57 -0.37 -26.69
N LEU A 158 -19.82 -0.38 -25.39
CA LEU A 158 -19.40 -1.49 -24.54
C LEU A 158 -20.08 -2.79 -25.01
N LYS A 159 -21.40 -2.74 -25.20
CA LYS A 159 -22.16 -3.91 -25.65
C LYS A 159 -21.64 -4.52 -26.96
N THR A 160 -21.29 -3.67 -27.91
CA THR A 160 -20.77 -4.15 -29.18
C THR A 160 -19.42 -4.82 -29.01
N GLN A 161 -18.51 -4.20 -28.23
CA GLN A 161 -17.20 -4.82 -28.02
C GLN A 161 -17.34 -6.14 -27.27
N LEU A 162 -18.22 -6.16 -26.28
CA LEU A 162 -18.43 -7.37 -25.49
C LEU A 162 -18.96 -8.49 -26.39
N ARG A 163 -19.94 -8.16 -27.24
CA ARG A 163 -20.51 -9.15 -28.16
C ARG A 163 -19.45 -9.75 -29.09
N ASP A 164 -18.61 -8.91 -29.68
CA ASP A 164 -17.55 -9.37 -30.57
C ASP A 164 -16.53 -10.27 -29.86
N GLN A 165 -16.15 -9.92 -28.64
CA GLN A 165 -15.18 -10.74 -27.91
C GLN A 165 -15.78 -12.10 -27.59
N ALA A 166 -17.04 -12.12 -27.19
CA ALA A 166 -17.71 -13.37 -26.86
C ALA A 166 -17.87 -14.23 -28.13
N ILE A 167 -18.34 -13.64 -29.21
CA ILE A 167 -18.49 -14.40 -30.45
C ILE A 167 -17.11 -14.92 -30.86
N GLY A 168 -16.08 -14.13 -30.55
CA GLY A 168 -14.71 -14.55 -30.85
C GLY A 168 -14.23 -15.76 -30.05
N GLY A 169 -14.96 -16.12 -29.00
CA GLY A 169 -14.56 -17.28 -28.23
C GLY A 169 -13.85 -17.03 -26.91
N VAL A 170 -13.79 -15.77 -26.50
CA VAL A 170 -13.15 -15.38 -25.23
C VAL A 170 -13.97 -15.93 -24.06
N ASP A 171 -13.32 -16.44 -23.02
CA ASP A 171 -14.05 -16.97 -21.86
C ASP A 171 -14.39 -15.89 -20.84
N ILE A 172 -13.50 -14.91 -20.71
CA ILE A 172 -13.69 -13.81 -19.78
C ILE A 172 -13.26 -12.47 -20.36
N VAL A 173 -14.14 -11.48 -20.24
CA VAL A 173 -13.82 -10.13 -20.69
C VAL A 173 -13.78 -9.29 -19.42
N LYS A 174 -12.74 -8.46 -19.27
CA LYS A 174 -12.64 -7.62 -18.10
C LYS A 174 -12.67 -6.14 -18.46
N ASP A 175 -13.15 -5.33 -17.52
CA ASP A 175 -13.21 -3.88 -17.69
C ASP A 175 -11.80 -3.36 -17.84
N ASP A 176 -11.71 -2.18 -18.45
CA ASP A 176 -10.43 -1.51 -18.62
C ASP A 176 -10.01 -1.18 -17.19
N GLU A 177 -8.72 -1.35 -16.92
CA GLU A 177 -8.16 -1.12 -15.60
C GLU A 177 -8.50 0.22 -14.93
N ILE A 178 -8.59 1.28 -15.73
CA ILE A 178 -8.87 2.60 -15.16
C ILE A 178 -10.30 3.09 -15.32
N LEU A 179 -11.23 2.16 -15.48
CA LEU A 179 -12.63 2.55 -15.61
C LEU A 179 -13.27 2.68 -14.23
N PHE A 180 -13.62 3.91 -13.85
CA PHE A 180 -14.25 4.19 -12.57
C PHE A 180 -15.71 4.57 -12.77
N GLU A 181 -16.46 4.68 -11.68
CA GLU A 181 -17.87 5.03 -11.77
C GLU A 181 -17.99 6.34 -12.55
N ASN A 182 -18.89 6.36 -13.52
CA ASN A 182 -19.08 7.55 -14.35
C ASN A 182 -20.51 7.59 -14.88
N ALA A 183 -20.91 8.72 -15.44
CA ALA A 183 -22.27 8.88 -15.94
C ALA A 183 -22.65 8.06 -17.18
N LEU A 184 -21.68 7.69 -18.00
CA LEU A 184 -21.98 6.93 -19.21
C LEU A 184 -22.08 5.42 -19.00
N THR A 185 -21.09 4.86 -18.29
CA THR A 185 -21.08 3.42 -18.04
C THR A 185 -20.98 3.09 -16.55
N PRO A 186 -21.98 3.48 -15.74
CA PRO A 186 -21.95 3.19 -14.30
C PRO A 186 -22.07 1.68 -14.05
N LEU A 187 -21.55 1.26 -12.91
CA LEU A 187 -21.52 -0.14 -12.49
C LEU A 187 -22.71 -1.01 -12.88
N THR A 188 -23.86 -0.75 -12.26
CA THR A 188 -25.05 -1.56 -12.48
C THR A 188 -25.52 -1.58 -13.93
N LYS A 189 -25.30 -0.48 -14.65
CA LYS A 189 -25.71 -0.44 -16.04
C LYS A 189 -24.77 -1.33 -16.86
N ARG A 190 -23.46 -1.24 -16.61
CA ARG A 190 -22.48 -2.09 -17.31
C ARG A 190 -22.84 -3.54 -17.08
N ILE A 191 -23.14 -3.87 -15.82
CA ILE A 191 -23.46 -5.25 -15.47
C ILE A 191 -24.73 -5.76 -16.14
N VAL A 192 -25.81 -5.00 -15.99
CA VAL A 192 -27.10 -5.39 -16.55
C VAL A 192 -27.01 -5.51 -18.07
N SER A 193 -26.45 -4.49 -18.73
CA SER A 193 -26.31 -4.53 -20.18
C SER A 193 -25.40 -5.66 -20.62
N GLY A 194 -24.30 -5.85 -19.91
CA GLY A 194 -23.37 -6.90 -20.26
C GLY A 194 -23.97 -8.29 -20.12
N LYS A 195 -24.69 -8.50 -19.02
CA LYS A 195 -25.30 -9.79 -18.78
C LYS A 195 -26.23 -10.16 -19.95
N GLU A 196 -27.00 -9.18 -20.41
CA GLU A 196 -27.93 -9.42 -21.52
C GLU A 196 -27.22 -9.75 -22.83
N VAL A 197 -26.10 -9.08 -23.08
CA VAL A 197 -25.32 -9.32 -24.28
C VAL A 197 -24.79 -10.76 -24.30
N LEU A 198 -24.17 -11.16 -23.20
CA LEU A 198 -23.59 -12.49 -23.08
C LEU A 198 -24.64 -13.60 -23.07
N GLN A 199 -25.81 -13.32 -22.52
CA GLN A 199 -26.86 -14.33 -22.53
C GLN A 199 -27.30 -14.51 -23.98
N SER A 200 -27.44 -13.40 -24.71
CA SER A 200 -27.85 -13.47 -26.12
C SER A 200 -26.84 -14.27 -26.94
N VAL A 201 -25.55 -13.98 -26.73
CA VAL A 201 -24.54 -14.71 -27.47
C VAL A 201 -24.58 -16.19 -27.11
N TYR A 202 -24.87 -16.49 -25.85
CA TYR A 202 -24.94 -17.88 -25.43
C TYR A 202 -26.12 -18.58 -26.12
N GLU A 203 -27.29 -17.94 -26.07
CA GLU A 203 -28.49 -18.49 -26.68
C GLU A 203 -28.34 -18.82 -28.16
N THR A 204 -27.59 -18.00 -28.88
CA THR A 204 -27.38 -18.20 -30.32
C THR A 204 -26.11 -18.93 -30.71
N TYR A 205 -24.99 -18.62 -30.06
CA TYR A 205 -23.71 -19.25 -30.38
C TYR A 205 -23.29 -20.43 -29.52
N GLY A 206 -23.97 -20.62 -28.39
CA GLY A 206 -23.63 -21.73 -27.53
C GLY A 206 -22.35 -21.56 -26.74
N HIS A 207 -21.78 -20.36 -26.75
CA HIS A 207 -20.54 -20.10 -25.99
C HIS A 207 -20.85 -19.11 -24.86
N LYS A 208 -20.53 -19.51 -23.63
CA LYS A 208 -20.77 -18.63 -22.49
C LYS A 208 -19.53 -17.84 -22.08
N THR A 209 -19.64 -16.52 -22.09
CA THR A 209 -18.55 -15.64 -21.70
C THR A 209 -18.92 -14.98 -20.38
N LEU A 210 -17.92 -14.73 -19.53
CA LEU A 210 -18.16 -14.07 -18.25
C LEU A 210 -17.56 -12.67 -18.30
N TYR A 211 -18.19 -11.75 -17.57
CA TYR A 211 -17.74 -10.36 -17.55
C TYR A 211 -17.22 -10.03 -16.17
N ALA A 212 -15.93 -9.69 -16.09
CA ALA A 212 -15.28 -9.31 -14.84
C ALA A 212 -15.36 -7.79 -14.78
N VAL A 213 -16.20 -7.29 -13.88
CA VAL A 213 -16.45 -5.86 -13.75
C VAL A 213 -15.67 -5.21 -12.62
N ASN A 214 -15.15 -4.02 -12.92
CA ASN A 214 -14.35 -3.25 -11.96
C ASN A 214 -15.17 -2.83 -10.74
N LEU A 215 -14.67 -3.17 -9.55
CA LEU A 215 -15.34 -2.81 -8.30
C LEU A 215 -14.48 -1.72 -7.68
N THR A 216 -14.95 -0.48 -7.73
CA THR A 216 -14.19 0.65 -7.20
C THR A 216 -15.00 1.46 -6.18
N GLY A 217 -14.53 2.66 -5.84
CA GLY A 217 -15.24 3.47 -4.86
C GLY A 217 -14.55 3.46 -3.50
N ARG A 218 -15.21 3.98 -2.47
CA ARG A 218 -14.63 4.03 -1.12
C ARG A 218 -14.57 2.62 -0.50
N THR A 219 -13.50 2.38 0.26
CA THR A 219 -13.31 1.10 0.93
C THR A 219 -14.55 0.66 1.69
N PHE A 220 -15.10 1.56 2.49
CA PHE A 220 -16.27 1.22 3.28
C PHE A 220 -17.60 1.10 2.52
N ASP A 221 -17.57 1.27 1.20
CA ASP A 221 -18.78 1.07 0.40
C ASP A 221 -18.61 -0.18 -0.46
N LEU A 222 -17.42 -0.78 -0.46
CA LEU A 222 -17.17 -1.96 -1.30
C LEU A 222 -18.12 -3.13 -1.10
N LYS A 223 -18.44 -3.48 0.14
CA LYS A 223 -19.35 -4.60 0.36
C LYS A 223 -20.75 -4.29 -0.20
N GLU A 224 -21.22 -3.08 0.02
CA GLU A 224 -22.52 -2.68 -0.46
C GLU A 224 -22.54 -2.70 -1.97
N ASN A 225 -21.49 -2.14 -2.59
CA ASN A 225 -21.40 -2.11 -4.05
C ASN A 225 -21.22 -3.51 -4.63
N ALA A 226 -20.47 -4.35 -3.93
CA ALA A 226 -20.26 -5.72 -4.39
C ALA A 226 -21.60 -6.45 -4.41
N LYS A 227 -22.42 -6.21 -3.38
CA LYS A 227 -23.73 -6.86 -3.31
C LYS A 227 -24.71 -6.28 -4.33
N ARG A 228 -24.59 -4.99 -4.63
CA ARG A 228 -25.44 -4.38 -5.65
C ARG A 228 -25.03 -5.03 -6.98
N ALA A 229 -23.73 -5.25 -7.15
CA ALA A 229 -23.23 -5.85 -8.38
C ALA A 229 -23.77 -7.27 -8.54
N VAL A 230 -23.68 -8.05 -7.47
CA VAL A 230 -24.17 -9.42 -7.49
C VAL A 230 -25.67 -9.43 -7.82
N GLN A 231 -26.42 -8.56 -7.15
CA GLN A 231 -27.86 -8.47 -7.39
C GLN A 231 -28.17 -8.14 -8.85
N ALA A 232 -27.34 -7.29 -9.46
CA ALA A 232 -27.52 -6.92 -10.86
C ALA A 232 -27.13 -8.05 -11.80
N GLY A 233 -26.46 -9.07 -11.27
CA GLY A 233 -26.07 -10.21 -12.08
C GLY A 233 -24.60 -10.29 -12.49
N ALA A 234 -23.71 -9.64 -11.74
CA ALA A 234 -22.28 -9.67 -12.06
C ALA A 234 -21.73 -11.09 -12.07
N ASP A 235 -20.79 -11.36 -12.98
CA ASP A 235 -20.18 -12.68 -13.08
C ASP A 235 -18.94 -12.81 -12.19
N ILE A 236 -18.01 -11.88 -12.38
CA ILE A 236 -16.74 -11.85 -11.66
C ILE A 236 -16.50 -10.41 -11.18
N LEU A 237 -15.92 -10.23 -10.01
CA LEU A 237 -15.60 -8.89 -9.54
C LEU A 237 -14.10 -8.66 -9.76
N LEU A 238 -13.76 -7.63 -10.52
CA LEU A 238 -12.37 -7.28 -10.80
C LEU A 238 -11.99 -6.28 -9.70
N PHE A 239 -10.90 -6.56 -8.99
CA PHE A 239 -10.51 -5.73 -7.86
C PHE A 239 -9.04 -5.35 -7.82
N ASN A 240 -8.78 -4.05 -7.67
CA ASN A 240 -7.43 -3.52 -7.57
C ASN A 240 -7.05 -3.64 -6.10
N VAL A 241 -6.75 -4.87 -5.70
CA VAL A 241 -6.42 -5.20 -4.32
C VAL A 241 -5.44 -4.25 -3.65
N PHE A 242 -4.35 -3.93 -4.34
CA PHE A 242 -3.35 -3.10 -3.71
C PHE A 242 -3.62 -1.61 -3.63
N ALA A 243 -4.76 -1.18 -4.18
CA ALA A 243 -5.15 0.21 -4.07
C ALA A 243 -6.00 0.33 -2.79
N TYR A 244 -6.42 -0.83 -2.26
CA TYR A 244 -7.26 -0.90 -1.07
C TYR A 244 -6.60 -1.62 0.11
N GLY A 245 -6.10 -2.82 -0.16
CA GLY A 245 -5.45 -3.63 0.86
C GLY A 245 -5.88 -5.07 0.84
N LEU A 246 -4.93 -5.96 1.08
CA LEU A 246 -5.18 -7.39 1.14
C LEU A 246 -6.28 -7.75 2.13
N ASP A 247 -6.34 -7.06 3.27
CA ASP A 247 -7.36 -7.35 4.28
C ASP A 247 -8.75 -7.05 3.73
N VAL A 248 -8.84 -6.11 2.80
CA VAL A 248 -10.13 -5.75 2.23
C VAL A 248 -10.57 -6.85 1.26
N LEU A 249 -9.63 -7.33 0.44
CA LEU A 249 -9.92 -8.42 -0.48
C LEU A 249 -10.44 -9.60 0.35
N GLN A 250 -9.71 -9.90 1.42
CA GLN A 250 -10.07 -11.02 2.29
C GLN A 250 -11.50 -10.93 2.81
N SER A 251 -11.92 -9.75 3.26
CA SER A 251 -13.28 -9.60 3.75
C SER A 251 -14.30 -9.83 2.64
N LEU A 252 -13.97 -9.44 1.41
CA LEU A 252 -14.90 -9.67 0.30
C LEU A 252 -14.97 -11.16 0.02
N ALA A 253 -13.80 -11.80 -0.04
CA ALA A 253 -13.75 -13.24 -0.29
C ALA A 253 -14.44 -14.04 0.80
N GLU A 254 -14.43 -13.53 2.03
CA GLU A 254 -15.05 -14.21 3.18
C GLU A 254 -16.56 -14.09 3.24
N ASP A 255 -17.13 -13.16 2.48
CA ASP A 255 -18.57 -12.96 2.50
C ASP A 255 -19.34 -13.94 1.62
N ASP A 256 -20.17 -14.79 2.22
CA ASP A 256 -20.92 -15.73 1.40
C ASP A 256 -22.08 -15.06 0.67
N GLU A 257 -22.28 -13.77 0.94
CA GLU A 257 -23.32 -13.01 0.24
C GLU A 257 -22.73 -12.33 -1.00
N ILE A 258 -21.49 -12.71 -1.34
CA ILE A 258 -20.79 -12.24 -2.53
C ILE A 258 -20.35 -13.56 -3.14
N PRO A 259 -21.30 -14.33 -3.69
CA PRO A 259 -21.06 -15.65 -4.29
C PRO A 259 -20.49 -15.68 -5.69
N VAL A 260 -19.53 -14.81 -5.98
CA VAL A 260 -18.94 -14.78 -7.30
C VAL A 260 -17.43 -14.72 -7.13
N PRO A 261 -16.68 -15.10 -8.18
CA PRO A 261 -15.22 -15.07 -8.14
C PRO A 261 -14.68 -13.64 -8.09
N ILE A 262 -13.45 -13.50 -7.63
CA ILE A 262 -12.79 -12.20 -7.55
C ILE A 262 -11.49 -12.33 -8.34
N MET A 263 -11.29 -11.40 -9.26
CA MET A 263 -10.10 -11.38 -10.08
C MET A 263 -9.27 -10.22 -9.56
N ALA A 264 -8.07 -10.50 -9.07
CA ALA A 264 -7.23 -9.44 -8.54
C ALA A 264 -6.36 -8.83 -9.63
N HIS A 265 -6.26 -7.51 -9.62
CA HIS A 265 -5.44 -6.76 -10.58
C HIS A 265 -4.28 -6.22 -9.74
N PRO A 266 -3.04 -6.31 -10.25
CA PRO A 266 -1.81 -5.86 -9.59
C PRO A 266 -1.51 -4.36 -9.52
N ALA A 267 -2.43 -3.53 -9.99
CA ALA A 267 -2.22 -2.09 -9.97
C ALA A 267 -1.69 -1.60 -8.62
N VAL A 268 -0.64 -0.78 -8.68
CA VAL A 268 0.00 -0.18 -7.52
C VAL A 268 0.94 -1.11 -6.74
N SER A 269 0.81 -2.42 -6.92
CA SER A 269 1.69 -3.35 -6.19
C SER A 269 3.17 -3.13 -6.52
N GLY A 270 3.43 -2.52 -7.68
CA GLY A 270 4.80 -2.25 -8.08
C GLY A 270 5.50 -1.32 -7.12
N ALA A 271 4.72 -0.48 -6.43
CA ALA A 271 5.28 0.45 -5.47
C ALA A 271 5.96 -0.33 -4.35
N TYR A 272 5.47 -1.54 -4.12
CA TYR A 272 6.01 -2.43 -3.09
C TYR A 272 7.12 -3.34 -3.58
N SER A 273 6.96 -3.86 -4.80
CA SER A 273 7.89 -4.85 -5.34
C SER A 273 8.93 -4.50 -6.38
N ALA A 274 8.90 -3.30 -6.93
CA ALA A 274 9.86 -2.92 -7.97
C ALA A 274 11.34 -3.01 -7.60
N SER A 275 11.68 -2.68 -6.36
CA SER A 275 13.08 -2.71 -5.92
C SER A 275 13.60 -4.09 -5.53
N LYS A 276 14.89 -4.31 -5.75
CA LYS A 276 15.52 -5.58 -5.40
C LYS A 276 16.16 -5.45 -4.01
N LEU A 277 16.20 -4.22 -3.49
CA LEU A 277 16.81 -3.98 -2.19
C LEU A 277 15.80 -3.73 -1.06
N TYR A 278 14.65 -3.18 -1.40
CA TYR A 278 13.62 -2.89 -0.40
C TYR A 278 12.27 -3.45 -0.81
N GLY A 279 11.25 -3.17 -0.01
CA GLY A 279 9.91 -3.62 -0.32
C GLY A 279 9.53 -5.04 0.04
N VAL A 280 8.57 -5.57 -0.72
CA VAL A 280 8.04 -6.91 -0.53
C VAL A 280 8.10 -7.59 -1.89
N SER A 281 8.52 -8.85 -1.93
CA SER A 281 8.64 -9.51 -3.22
C SER A 281 7.31 -9.74 -3.92
N SER A 282 7.36 -9.69 -5.25
CA SER A 282 6.18 -9.89 -6.09
C SER A 282 5.53 -11.26 -5.87
N PRO A 283 6.35 -12.33 -5.77
CA PRO A 283 5.78 -13.67 -5.57
C PRO A 283 4.95 -13.80 -4.28
N LEU A 284 5.39 -13.14 -3.22
CA LEU A 284 4.66 -13.18 -1.96
C LEU A 284 3.35 -12.38 -2.07
N LEU A 285 3.44 -11.19 -2.65
CA LEU A 285 2.29 -10.32 -2.81
C LEU A 285 1.25 -10.81 -3.80
N LEU A 286 1.68 -11.02 -5.05
CA LEU A 286 0.78 -11.43 -6.12
C LEU A 286 0.53 -12.93 -6.19
N GLY A 287 1.32 -13.69 -5.43
CA GLY A 287 1.15 -15.12 -5.44
C GLY A 287 0.53 -15.63 -4.15
N LYS A 288 1.36 -15.80 -3.12
CA LYS A 288 0.89 -16.32 -1.85
C LYS A 288 -0.20 -15.52 -1.13
N LEU A 289 0.08 -14.24 -0.86
CA LEU A 289 -0.89 -13.45 -0.10
C LEU A 289 -2.23 -13.27 -0.83
N LEU A 290 -2.20 -13.09 -2.13
CA LEU A 290 -3.43 -12.93 -2.88
C LEU A 290 -4.25 -14.22 -2.77
N ARG A 291 -3.57 -15.35 -2.90
CA ARG A 291 -4.26 -16.64 -2.79
C ARG A 291 -4.88 -16.84 -1.40
N TYR A 292 -4.10 -16.62 -0.35
CA TYR A 292 -4.61 -16.81 1.00
C TYR A 292 -5.77 -15.87 1.29
N ALA A 293 -5.70 -14.66 0.74
CA ALA A 293 -6.72 -13.64 0.93
C ALA A 293 -8.02 -13.94 0.18
N GLY A 294 -7.95 -14.80 -0.84
CA GLY A 294 -9.18 -15.13 -1.54
C GLY A 294 -9.32 -14.81 -3.01
N ALA A 295 -8.25 -14.38 -3.67
CA ALA A 295 -8.35 -14.08 -5.10
C ALA A 295 -8.43 -15.37 -5.92
N ASP A 296 -9.42 -15.46 -6.81
CA ASP A 296 -9.59 -16.64 -7.65
C ASP A 296 -8.66 -16.54 -8.86
N PHE A 297 -8.27 -15.31 -9.21
CA PHE A 297 -7.37 -15.08 -10.33
C PHE A 297 -6.37 -14.02 -9.88
N SER A 298 -5.14 -14.11 -10.36
CA SER A 298 -4.13 -13.11 -10.06
C SER A 298 -3.47 -12.72 -11.37
N LEU A 299 -3.59 -11.45 -11.72
CA LEU A 299 -2.96 -10.95 -12.93
C LEU A 299 -1.60 -10.42 -12.54
N PHE A 300 -0.60 -10.73 -13.36
CA PHE A 300 0.77 -10.28 -13.07
C PHE A 300 1.57 -10.16 -14.36
N PRO A 301 2.58 -9.29 -14.37
CA PRO A 301 3.40 -9.10 -15.57
C PRO A 301 3.93 -10.44 -16.10
N SER A 302 3.85 -10.62 -17.42
CA SER A 302 4.32 -11.85 -18.03
C SER A 302 5.81 -11.76 -18.31
N PRO A 303 6.47 -12.90 -18.54
CA PRO A 303 7.90 -12.91 -18.82
C PRO A 303 8.15 -12.79 -20.33
N TYR A 304 7.19 -12.20 -21.05
CA TYR A 304 7.33 -12.06 -22.49
C TYR A 304 7.38 -10.60 -22.94
N LYS A 311 11.09 -14.63 -17.18
CA LYS A 311 11.49 -14.19 -15.85
C LYS A 311 11.05 -15.22 -14.81
N GLU A 312 11.94 -15.52 -13.87
CA GLU A 312 11.64 -16.48 -12.81
C GLU A 312 10.61 -15.83 -11.88
N GLU A 313 10.58 -14.50 -11.87
CA GLU A 313 9.65 -13.75 -11.05
C GLU A 313 8.22 -14.20 -11.35
N ALA A 314 7.88 -14.18 -12.63
CA ALA A 314 6.55 -14.58 -13.09
C ALA A 314 6.23 -16.02 -12.71
N LEU A 315 7.20 -16.91 -12.92
CA LEU A 315 7.01 -18.33 -12.60
C LEU A 315 6.90 -18.57 -11.10
N ALA A 316 7.50 -17.70 -10.31
CA ALA A 316 7.45 -17.83 -8.85
C ALA A 316 6.04 -17.47 -8.37
N ILE A 317 5.51 -16.37 -8.87
CA ILE A 317 4.16 -15.95 -8.49
C ILE A 317 3.24 -17.15 -8.73
N SER A 318 3.29 -17.66 -9.96
CA SER A 318 2.48 -18.78 -10.39
C SER A 318 2.66 -19.98 -9.46
N LYS A 319 3.90 -20.23 -9.08
CA LYS A 319 4.20 -21.34 -8.17
C LYS A 319 3.39 -21.25 -6.87
N TYR A 320 3.37 -20.08 -6.24
CA TYR A 320 2.62 -19.90 -4.99
C TYR A 320 1.10 -19.92 -5.20
N LEU A 321 0.65 -19.49 -6.37
CA LEU A 321 -0.78 -19.50 -6.69
C LEU A 321 -1.28 -20.92 -6.85
N THR A 322 -0.40 -21.84 -7.23
CA THR A 322 -0.81 -23.22 -7.46
C THR A 322 -0.16 -24.33 -6.64
N GLU A 323 0.83 -24.01 -5.81
CA GLU A 323 1.46 -25.06 -5.04
C GLU A 323 0.41 -25.78 -4.23
N ASP A 324 0.55 -27.10 -4.09
CA ASP A 324 -0.41 -27.88 -3.32
C ASP A 324 -0.43 -27.37 -1.89
N ASP A 325 -1.62 -27.21 -1.33
CA ASP A 325 -1.78 -26.74 0.04
C ASP A 325 -3.16 -27.17 0.46
N ALA A 326 -3.22 -28.04 1.47
CA ALA A 326 -4.50 -28.56 1.96
C ALA A 326 -5.42 -27.51 2.56
N SER A 327 -4.89 -26.34 2.85
CA SER A 327 -5.70 -25.30 3.45
C SER A 327 -6.41 -24.39 2.45
N PHE A 328 -5.88 -24.28 1.23
CA PHE A 328 -6.44 -23.37 0.23
C PHE A 328 -6.56 -23.93 -1.18
N LYS A 329 -7.61 -23.51 -1.88
CA LYS A 329 -7.81 -23.91 -3.26
C LYS A 329 -6.76 -23.16 -4.05
N LYS A 330 -6.45 -23.66 -5.24
CA LYS A 330 -5.46 -23.02 -6.08
C LYS A 330 -6.07 -21.87 -6.86
N SER A 331 -5.26 -20.87 -7.18
CA SER A 331 -5.75 -19.70 -7.93
C SER A 331 -5.26 -19.74 -9.37
N PHE A 332 -6.04 -19.15 -10.28
CA PHE A 332 -5.66 -19.11 -11.69
C PHE A 332 -4.58 -18.06 -11.95
N SER A 333 -3.50 -18.47 -12.63
CA SER A 333 -2.42 -17.57 -12.98
C SER A 333 -2.79 -16.85 -14.27
N VAL A 334 -2.55 -15.54 -14.32
CA VAL A 334 -2.88 -14.77 -15.50
C VAL A 334 -1.74 -13.84 -15.92
N PRO A 335 -0.68 -14.38 -16.56
CA PRO A 335 0.45 -13.55 -17.00
C PRO A 335 -0.15 -12.52 -17.95
N SER A 336 0.24 -11.25 -17.78
CA SER A 336 -0.34 -10.21 -18.61
C SER A 336 0.64 -9.27 -19.31
N ALA A 337 0.18 -8.69 -20.42
CA ALA A 337 0.95 -7.75 -21.24
C ALA A 337 1.96 -8.42 -22.17
N GLY A 338 2.09 -7.86 -23.37
CA GLY A 338 3.01 -8.39 -24.37
C GLY A 338 2.65 -9.78 -24.84
N ILE A 339 1.35 -10.05 -24.95
CA ILE A 339 0.87 -11.36 -25.38
C ILE A 339 0.03 -11.33 -26.64
N HIS A 340 0.36 -12.23 -27.57
CA HIS A 340 -0.39 -12.34 -28.82
C HIS A 340 -0.49 -13.85 -29.13
N PRO A 341 -1.34 -14.23 -30.10
CA PRO A 341 -1.49 -15.65 -30.43
C PRO A 341 -0.20 -16.46 -30.54
N GLY A 342 0.84 -15.86 -31.10
CA GLY A 342 2.10 -16.55 -31.27
C GLY A 342 2.76 -17.02 -29.99
N PHE A 343 2.52 -16.31 -28.89
CA PHE A 343 3.11 -16.65 -27.60
C PHE A 343 2.40 -17.77 -26.85
N VAL A 344 1.23 -18.18 -27.34
CA VAL A 344 0.48 -19.23 -26.66
C VAL A 344 1.34 -20.47 -26.37
N PRO A 345 2.15 -20.92 -27.33
CA PRO A 345 2.99 -22.10 -27.07
C PRO A 345 3.90 -21.89 -25.87
N PHE A 346 4.56 -20.74 -25.84
CA PHE A 346 5.47 -20.41 -24.73
C PHE A 346 4.72 -20.35 -23.40
N ILE A 347 3.52 -19.77 -23.42
CA ILE A 347 2.73 -19.64 -22.20
C ILE A 347 2.34 -21.00 -21.61
N VAL A 348 1.86 -21.91 -22.45
CA VAL A 348 1.47 -23.22 -21.96
C VAL A 348 2.66 -24.05 -21.51
N ARG A 349 3.80 -23.91 -22.18
CA ARG A 349 4.97 -24.67 -21.77
C ARG A 349 5.44 -24.14 -20.41
N ASP A 350 5.50 -22.82 -20.29
CA ASP A 350 5.93 -22.18 -19.06
C ASP A 350 4.97 -22.29 -17.88
N PHE A 351 3.67 -22.14 -18.15
CA PHE A 351 2.68 -22.18 -17.07
C PHE A 351 1.78 -23.39 -16.97
N GLY A 352 1.76 -24.24 -17.99
CA GLY A 352 0.91 -25.41 -17.94
C GLY A 352 -0.46 -25.13 -18.51
N LYS A 353 -1.35 -26.10 -18.46
CA LYS A 353 -2.70 -25.94 -19.00
C LYS A 353 -3.64 -25.12 -18.11
N ASP A 354 -3.43 -25.16 -16.80
CA ASP A 354 -4.28 -24.40 -15.90
C ASP A 354 -3.80 -22.96 -15.79
N VAL A 355 -3.90 -22.25 -16.91
CA VAL A 355 -3.50 -20.86 -16.97
C VAL A 355 -4.54 -20.11 -17.78
N VAL A 356 -4.57 -18.79 -17.62
CA VAL A 356 -5.48 -17.95 -18.38
C VAL A 356 -4.64 -17.18 -19.40
N ILE A 357 -4.95 -17.32 -20.68
CA ILE A 357 -4.22 -16.60 -21.70
C ILE A 357 -4.82 -15.20 -21.75
N ASN A 358 -4.05 -14.18 -21.38
CA ASN A 358 -4.56 -12.82 -21.39
C ASN A 358 -4.27 -12.09 -22.70
N ALA A 359 -5.26 -12.01 -23.57
CA ALA A 359 -5.11 -11.34 -24.86
C ALA A 359 -5.03 -9.83 -24.67
N GLY A 360 -5.45 -9.37 -23.49
CA GLY A 360 -5.43 -7.94 -23.21
C GLY A 360 -6.36 -7.21 -24.15
N GLY A 361 -6.08 -5.92 -24.37
CA GLY A 361 -6.91 -5.14 -25.27
C GLY A 361 -6.43 -5.28 -26.71
N GLY A 362 -5.29 -5.95 -26.88
CA GLY A 362 -4.73 -6.13 -28.21
C GLY A 362 -5.57 -6.96 -29.17
N ILE A 363 -6.52 -7.71 -28.61
CA ILE A 363 -7.39 -8.56 -29.41
C ILE A 363 -8.20 -7.75 -30.44
N HIS A 364 -8.49 -6.50 -30.10
CA HIS A 364 -9.25 -5.61 -30.95
C HIS A 364 -8.44 -5.09 -32.13
N GLY A 365 -7.13 -5.32 -32.09
CA GLY A 365 -6.25 -4.86 -33.15
C GLY A 365 -6.13 -5.80 -34.32
N HIS A 366 -6.65 -7.02 -34.17
CA HIS A 366 -6.62 -8.02 -35.22
C HIS A 366 -7.38 -7.48 -36.44
N PRO A 367 -6.87 -7.75 -37.65
CA PRO A 367 -7.52 -7.27 -38.89
C PRO A 367 -9.02 -7.58 -38.95
N ASN A 368 -9.45 -8.65 -38.31
CA ASN A 368 -10.87 -9.01 -38.31
C ASN A 368 -11.56 -8.69 -36.98
N GLY A 369 -11.12 -7.62 -36.34
CA GLY A 369 -11.71 -7.20 -35.08
C GLY A 369 -11.50 -8.20 -33.96
N ALA A 370 -12.20 -7.98 -32.84
CA ALA A 370 -12.10 -8.85 -31.69
C ALA A 370 -12.55 -10.27 -32.01
N GLN A 371 -13.52 -10.41 -32.91
CA GLN A 371 -13.99 -11.74 -33.27
C GLN A 371 -12.85 -12.56 -33.89
N GLY A 372 -12.11 -11.93 -34.79
CA GLY A 372 -11.00 -12.62 -35.44
C GLY A 372 -9.86 -12.87 -34.48
N GLY A 373 -9.58 -11.89 -33.63
CA GLY A 373 -8.52 -12.04 -32.65
C GLY A 373 -8.79 -13.18 -31.69
N GLY A 374 -10.03 -13.29 -31.25
CA GLY A 374 -10.38 -14.36 -30.33
C GLY A 374 -10.28 -15.73 -30.96
N LYS A 375 -10.68 -15.85 -32.22
CA LYS A 375 -10.61 -17.12 -32.93
C LYS A 375 -9.14 -17.50 -33.10
N ALA A 376 -8.30 -16.52 -33.38
CA ALA A 376 -6.88 -16.76 -33.53
C ALA A 376 -6.32 -17.37 -32.23
N PHE A 377 -6.68 -16.80 -31.09
CA PHE A 377 -6.21 -17.31 -29.80
C PHE A 377 -6.78 -18.68 -29.50
N ARG A 378 -8.08 -18.85 -29.73
CA ARG A 378 -8.72 -20.15 -29.46
C ARG A 378 -8.11 -21.25 -30.33
N THR A 379 -7.89 -20.95 -31.60
CA THR A 379 -7.30 -21.93 -32.51
C THR A 379 -5.88 -22.22 -32.06
N ALA A 380 -5.14 -21.15 -31.72
CA ALA A 380 -3.76 -21.30 -31.27
C ALA A 380 -3.70 -22.18 -30.03
N ILE A 381 -4.63 -21.98 -29.10
CA ILE A 381 -4.64 -22.79 -27.89
C ILE A 381 -4.80 -24.27 -28.22
N ASP A 382 -5.82 -24.59 -29.02
CA ASP A 382 -6.07 -25.98 -29.38
C ASP A 382 -4.89 -26.64 -30.12
N ALA A 383 -4.24 -25.88 -31.01
CA ALA A 383 -3.11 -26.41 -31.76
C ALA A 383 -2.01 -26.78 -30.76
N THR A 384 -1.72 -25.83 -29.88
CA THR A 384 -0.71 -26.00 -28.84
C THR A 384 -0.93 -27.29 -28.03
N LEU A 385 -2.18 -27.53 -27.66
CA LEU A 385 -2.51 -28.72 -26.87
C LEU A 385 -2.32 -30.01 -27.67
N GLN A 386 -2.20 -29.87 -28.99
CA GLN A 386 -1.99 -31.02 -29.85
C GLN A 386 -0.56 -31.03 -30.35
N ASN A 387 0.26 -30.15 -29.77
CA ASN A 387 1.67 -30.03 -30.13
C ASN A 387 1.86 -29.69 -31.60
N LYS A 388 0.80 -29.21 -32.23
CA LYS A 388 0.85 -28.85 -33.64
C LYS A 388 1.35 -27.42 -33.79
N PRO A 389 2.38 -27.22 -34.63
CA PRO A 389 2.95 -25.88 -34.86
C PRO A 389 1.87 -24.90 -35.31
N LEU A 390 2.05 -23.64 -34.96
CA LEU A 390 1.09 -22.60 -35.32
C LEU A 390 1.12 -22.20 -36.79
N HIS A 391 2.32 -22.18 -37.38
CA HIS A 391 2.45 -21.80 -38.78
C HIS A 391 1.91 -22.87 -39.72
N GLU A 392 1.79 -24.10 -39.23
CA GLU A 392 1.27 -25.19 -40.04
C GLU A 392 -0.24 -25.32 -39.88
N VAL A 393 -0.86 -24.34 -39.23
CA VAL A 393 -2.29 -24.36 -39.00
C VAL A 393 -3.04 -23.58 -40.08
N ASP A 394 -4.00 -24.25 -40.72
CA ASP A 394 -4.79 -23.61 -41.76
C ASP A 394 -5.97 -22.85 -41.17
N ASP A 395 -5.75 -21.56 -40.94
CA ASP A 395 -6.77 -20.68 -40.37
C ASP A 395 -6.40 -19.25 -40.71
N ILE A 396 -7.25 -18.59 -41.50
CA ILE A 396 -7.00 -17.22 -41.92
C ILE A 396 -6.79 -16.28 -40.74
N ASN A 397 -7.56 -16.45 -39.68
CA ASN A 397 -7.45 -15.61 -38.49
C ASN A 397 -6.11 -15.79 -37.79
N LEU A 398 -5.76 -17.04 -37.47
CA LEU A 398 -4.51 -17.32 -36.80
C LEU A 398 -3.32 -16.95 -37.69
N HIS A 399 -3.46 -17.18 -39.00
CA HIS A 399 -2.39 -16.85 -39.94
C HIS A 399 -2.10 -15.35 -39.95
N SER A 400 -3.13 -14.55 -40.21
CA SER A 400 -2.95 -13.10 -40.25
C SER A 400 -2.43 -12.58 -38.92
N ALA A 401 -2.70 -13.31 -37.84
CA ALA A 401 -2.24 -12.90 -36.52
C ALA A 401 -0.73 -13.06 -36.46
N LEU A 402 -0.24 -14.23 -36.84
CA LEU A 402 1.19 -14.52 -36.83
C LEU A 402 1.93 -13.62 -37.81
N GLN A 403 1.22 -13.15 -38.84
CA GLN A 403 1.81 -12.31 -39.86
C GLN A 403 1.96 -10.85 -39.41
N ILE A 404 1.00 -10.37 -38.63
CA ILE A 404 1.03 -8.99 -38.17
C ILE A 404 1.75 -8.79 -36.84
N TRP A 405 1.59 -9.76 -35.94
CA TRP A 405 2.22 -9.67 -34.62
C TRP A 405 3.53 -10.44 -34.54
N GLY A 406 3.62 -11.55 -35.28
CA GLY A 406 4.83 -12.35 -35.25
C GLY A 406 4.55 -13.79 -34.82
N GLY B 3 -7.61 18.94 -12.97
CA GLY B 3 -7.98 17.72 -12.20
C GLY B 3 -6.96 17.32 -11.14
N ILE B 4 -5.90 16.63 -11.55
CA ILE B 4 -4.86 16.21 -10.62
C ILE B 4 -3.56 16.05 -11.41
N ILE B 5 -2.49 16.65 -10.90
CA ILE B 5 -1.20 16.57 -11.58
C ILE B 5 -0.21 15.69 -10.83
N ALA B 6 0.35 14.73 -11.53
CA ALA B 6 1.33 13.82 -10.93
C ALA B 6 2.74 14.16 -11.39
N THR B 7 3.68 14.17 -10.45
CA THR B 7 5.07 14.45 -10.75
C THR B 7 5.86 13.16 -10.54
N TYR B 8 6.56 12.72 -11.59
CA TYR B 8 7.34 11.49 -11.53
C TYR B 8 8.84 11.71 -11.68
N LEU B 9 9.61 10.83 -11.06
CA LEU B 9 11.07 10.84 -11.16
C LEU B 9 11.32 9.61 -11.99
N ILE B 10 11.84 9.80 -13.20
CA ILE B 10 12.07 8.66 -14.06
C ILE B 10 13.50 8.51 -14.54
N HIS B 11 13.94 7.27 -14.65
CA HIS B 11 15.26 6.95 -15.14
C HIS B 11 15.00 6.25 -16.47
N ASP B 12 14.81 7.07 -17.51
CA ASP B 12 14.52 6.60 -18.86
C ASP B 12 15.68 5.91 -19.56
N ASP B 13 15.46 4.67 -19.96
CA ASP B 13 16.47 3.88 -20.65
C ASP B 13 16.31 4.02 -22.16
N SER B 14 15.54 5.02 -22.59
CA SER B 14 15.31 5.25 -24.02
C SER B 14 15.81 6.65 -24.34
N HIS B 15 16.40 7.30 -23.33
CA HIS B 15 16.94 8.65 -23.46
C HIS B 15 16.08 9.57 -24.31
N ASN B 16 14.82 9.74 -23.92
CA ASN B 16 13.90 10.60 -24.64
C ASN B 16 12.74 10.93 -23.71
N LEU B 17 13.02 11.78 -22.73
CA LEU B 17 12.03 12.18 -21.75
C LEU B 17 10.75 12.71 -22.38
N GLU B 18 10.89 13.54 -23.40
CA GLU B 18 9.73 14.14 -24.07
C GLU B 18 8.84 13.09 -24.72
N LYS B 19 9.43 12.01 -25.18
CA LYS B 19 8.67 10.94 -25.83
C LYS B 19 8.00 10.05 -24.78
N LYS B 20 8.75 9.67 -23.76
CA LYS B 20 8.22 8.82 -22.70
C LYS B 20 7.08 9.53 -21.99
N ALA B 21 7.23 10.84 -21.79
CA ALA B 21 6.21 11.64 -21.13
C ALA B 21 4.88 11.60 -21.90
N GLU B 22 4.92 11.99 -23.17
CA GLU B 22 3.72 11.99 -24.00
C GLU B 22 3.12 10.60 -24.04
N GLN B 23 3.99 9.60 -24.04
CA GLN B 23 3.55 8.21 -24.06
C GLN B 23 2.70 7.92 -22.83
N ILE B 24 3.20 8.35 -21.67
CA ILE B 24 2.50 8.14 -20.41
C ILE B 24 1.20 8.93 -20.31
N ALA B 25 1.21 10.18 -20.76
CA ALA B 25 0.01 11.01 -20.71
C ALA B 25 -1.12 10.45 -21.56
N LEU B 26 -0.77 9.66 -22.57
CA LEU B 26 -1.75 9.06 -23.46
C LEU B 26 -2.22 7.70 -22.97
N GLY B 27 -1.28 6.80 -22.74
CA GLY B 27 -1.61 5.46 -22.29
C GLY B 27 -2.42 5.40 -21.00
N LEU B 28 -2.27 6.42 -20.15
CA LEU B 28 -2.98 6.43 -18.87
C LEU B 28 -4.32 7.18 -18.90
N THR B 29 -4.76 7.59 -20.09
CA THR B 29 -6.04 8.29 -20.22
C THR B 29 -6.88 7.77 -21.38
N ILE B 30 -7.05 8.57 -22.43
CA ILE B 30 -7.86 8.15 -23.58
C ILE B 30 -7.10 7.25 -24.54
N GLY B 31 -7.84 6.55 -25.40
CA GLY B 31 -7.23 5.65 -26.36
C GLY B 31 -8.22 4.66 -26.94
N LEU B 36 -13.83 9.36 -35.61
CA LEU B 36 -15.09 9.63 -34.93
C LEU B 36 -15.65 11.00 -35.31
N PRO B 37 -16.98 11.16 -35.26
CA PRO B 37 -17.59 12.45 -35.60
C PRO B 37 -17.10 13.56 -34.67
N HIS B 38 -17.01 14.77 -35.22
CA HIS B 38 -16.53 15.93 -34.49
C HIS B 38 -17.09 16.11 -33.08
N LEU B 39 -18.42 16.10 -32.94
CA LEU B 39 -19.02 16.28 -31.62
C LEU B 39 -18.56 15.26 -30.60
N LEU B 40 -18.27 14.04 -31.04
CA LEU B 40 -17.80 13.01 -30.11
C LEU B 40 -16.33 13.25 -29.76
N GLN B 41 -15.52 13.55 -30.76
CA GLN B 41 -14.11 13.83 -30.54
C GLN B 41 -13.95 14.97 -29.54
N GLU B 42 -14.83 15.96 -29.65
CA GLU B 42 -14.78 17.11 -28.75
C GLU B 42 -15.01 16.73 -27.29
N GLN B 43 -16.00 15.87 -27.03
CA GLN B 43 -16.25 15.47 -25.65
C GLN B 43 -15.19 14.48 -25.16
N LEU B 44 -14.56 13.75 -26.08
CA LEU B 44 -13.51 12.80 -25.71
C LEU B 44 -12.20 13.50 -25.33
N LYS B 45 -11.93 14.64 -25.95
CA LYS B 45 -10.70 15.36 -25.64
C LYS B 45 -10.65 15.74 -24.18
N GLN B 46 -11.82 15.81 -23.55
CA GLN B 46 -11.91 16.16 -22.14
C GLN B 46 -11.27 15.09 -21.25
N HIS B 47 -11.12 13.87 -21.75
CA HIS B 47 -10.54 12.78 -20.98
C HIS B 47 -9.05 12.53 -21.26
N LYS B 48 -8.41 13.37 -22.06
CA LYS B 48 -7.01 13.12 -22.38
C LYS B 48 -6.01 13.70 -21.38
N GLY B 49 -4.93 12.95 -21.16
CA GLY B 49 -3.89 13.38 -20.26
C GLY B 49 -3.04 14.41 -20.97
N ASN B 50 -2.53 15.39 -20.23
CA ASN B 50 -1.72 16.45 -20.82
C ASN B 50 -0.38 16.59 -20.11
N VAL B 51 0.71 16.60 -20.88
CA VAL B 51 2.03 16.76 -20.28
C VAL B 51 2.17 18.21 -19.87
N ILE B 52 2.38 18.43 -18.57
CA ILE B 52 2.50 19.78 -18.04
C ILE B 52 3.93 20.30 -17.95
N HIS B 53 4.89 19.40 -17.69
CA HIS B 53 6.28 19.81 -17.56
C HIS B 53 7.25 18.65 -17.72
N VAL B 54 8.38 18.93 -18.36
CA VAL B 54 9.42 17.95 -18.58
C VAL B 54 10.77 18.62 -18.35
N GLU B 55 11.48 18.20 -17.30
CA GLU B 55 12.78 18.78 -17.00
C GLU B 55 13.83 17.68 -16.86
N GLU B 56 14.98 17.87 -17.48
CA GLU B 56 16.05 16.88 -17.40
C GLU B 56 16.91 17.12 -16.18
N LEU B 57 17.47 16.05 -15.64
CA LEU B 57 18.32 16.13 -14.45
C LEU B 57 19.71 15.55 -14.70
N ALA B 58 20.62 15.85 -13.80
CA ALA B 58 21.99 15.37 -13.90
C ALA B 58 22.02 13.84 -13.96
N GLU B 59 22.92 13.30 -14.77
CA GLU B 59 23.05 11.86 -14.92
C GLU B 59 23.77 11.26 -13.72
N HIS B 60 23.37 10.05 -13.33
CA HIS B 60 23.99 9.36 -12.21
C HIS B 60 24.68 8.10 -12.71
N GLU B 61 26.01 8.14 -12.75
CA GLU B 61 26.78 7.00 -13.24
C GLU B 61 26.64 5.75 -12.37
N HIS B 62 26.61 5.94 -11.05
CA HIS B 62 26.47 4.79 -10.15
C HIS B 62 25.19 4.03 -10.48
N THR B 63 24.13 4.77 -10.78
CA THR B 63 22.85 4.16 -11.11
C THR B 63 22.99 3.40 -12.42
N ASN B 64 23.61 4.04 -13.41
CA ASN B 64 23.81 3.39 -14.71
C ASN B 64 24.49 2.06 -14.49
N SER B 65 25.53 2.07 -13.64
CA SER B 65 26.27 0.85 -13.34
C SER B 65 25.36 -0.15 -12.64
N TYR B 66 24.64 0.33 -11.63
CA TYR B 66 23.73 -0.52 -10.86
C TYR B 66 22.68 -1.20 -11.73
N LEU B 67 22.05 -0.44 -12.61
CA LEU B 67 21.01 -0.96 -13.50
C LEU B 67 21.58 -1.74 -14.68
N ARG B 68 22.89 -1.66 -14.88
CA ARG B 68 23.54 -2.35 -15.99
C ARG B 68 23.03 -1.82 -17.31
N LYS B 69 22.71 -0.52 -17.32
CA LYS B 69 22.22 0.16 -18.51
C LYS B 69 22.33 1.65 -18.24
N LYS B 70 22.35 2.44 -19.30
CA LYS B 70 22.45 3.88 -19.16
C LYS B 70 21.05 4.50 -19.20
N VAL B 71 20.76 5.38 -18.26
CA VAL B 71 19.46 6.02 -18.19
C VAL B 71 19.56 7.53 -18.05
N LYS B 72 18.52 8.22 -18.50
CA LYS B 72 18.45 9.68 -18.43
C LYS B 72 17.49 10.06 -17.30
N ARG B 73 18.01 10.77 -16.31
CA ARG B 73 17.20 11.18 -15.17
C ARG B 73 16.39 12.43 -15.48
N GLY B 74 15.11 12.41 -15.12
CA GLY B 74 14.25 13.54 -15.38
C GLY B 74 12.99 13.58 -14.51
N ILE B 75 12.36 14.75 -14.50
CA ILE B 75 11.13 14.97 -13.75
C ILE B 75 10.02 15.25 -14.76
N ILE B 76 8.97 14.44 -14.72
CA ILE B 76 7.86 14.60 -15.64
C ILE B 76 6.56 14.89 -14.87
N LYS B 77 5.76 15.79 -15.43
CA LYS B 77 4.50 16.15 -14.80
C LYS B 77 3.34 15.94 -15.79
N ILE B 78 2.44 15.03 -15.43
CA ILE B 78 1.29 14.72 -16.28
C ILE B 78 0.01 15.08 -15.54
N GLU B 79 -0.89 15.78 -16.22
CA GLU B 79 -2.16 16.16 -15.62
C GLU B 79 -3.25 15.19 -16.08
N TYR B 80 -4.07 14.72 -15.13
CA TYR B 80 -5.17 13.81 -15.45
C TYR B 80 -6.49 14.49 -15.14
N PRO B 81 -7.42 14.53 -16.12
CA PRO B 81 -8.73 15.17 -15.93
C PRO B 81 -9.56 14.48 -14.85
N LEU B 82 -10.22 15.27 -14.02
CA LEU B 82 -11.04 14.75 -12.93
C LEU B 82 -12.10 13.78 -13.46
N LEU B 83 -12.65 14.12 -14.63
CA LEU B 83 -13.67 13.31 -15.28
C LEU B 83 -13.24 11.85 -15.48
N ASN B 84 -11.94 11.60 -15.39
CA ASN B 84 -11.40 10.25 -15.60
C ASN B 84 -11.35 9.34 -14.37
N PHE B 85 -11.75 9.83 -13.20
CA PHE B 85 -11.69 9.00 -12.01
C PHE B 85 -12.60 9.48 -10.89
N SER B 86 -12.96 8.56 -9.99
CA SER B 86 -13.80 8.94 -8.86
C SER B 86 -12.83 9.68 -7.93
N PRO B 87 -13.30 10.72 -7.24
CA PRO B 87 -12.48 11.52 -6.33
C PRO B 87 -12.11 10.85 -5.00
N ASP B 88 -11.31 9.79 -5.06
CA ASP B 88 -10.87 9.09 -3.87
C ASP B 88 -9.45 8.60 -4.11
N LEU B 89 -8.69 8.45 -3.02
CA LEU B 89 -7.30 8.02 -3.11
C LEU B 89 -7.05 6.72 -3.86
N PRO B 90 -7.90 5.70 -3.66
CA PRO B 90 -7.66 4.45 -4.39
C PRO B 90 -7.66 4.69 -5.91
N ALA B 91 -8.66 5.41 -6.40
CA ALA B 91 -8.76 5.70 -7.83
C ALA B 91 -7.59 6.59 -8.27
N ILE B 92 -7.25 7.54 -7.41
CA ILE B 92 -6.16 8.45 -7.70
C ILE B 92 -4.84 7.72 -7.83
N LEU B 93 -4.53 6.85 -6.87
CA LEU B 93 -3.28 6.10 -6.95
C LEU B 93 -3.28 5.13 -8.12
N THR B 94 -4.43 4.53 -8.41
CA THR B 94 -4.53 3.60 -9.52
C THR B 94 -4.31 4.35 -10.83
N THR B 95 -4.92 5.52 -10.92
CA THR B 95 -4.82 6.32 -12.13
C THR B 95 -3.41 6.85 -12.39
N THR B 96 -2.81 7.46 -11.37
CA THR B 96 -1.48 8.03 -11.52
C THR B 96 -0.30 7.10 -11.36
N PHE B 97 -0.47 5.98 -10.69
CA PHE B 97 0.68 5.10 -10.51
C PHE B 97 0.30 3.61 -10.51
N GLY B 98 -0.86 3.28 -11.06
CA GLY B 98 -1.28 1.89 -11.10
C GLY B 98 -0.40 1.02 -11.99
N LYS B 99 -0.44 1.30 -13.28
CA LYS B 99 0.32 0.56 -14.28
C LYS B 99 1.80 0.99 -14.24
N LEU B 100 2.02 2.28 -13.99
CA LEU B 100 3.36 2.85 -13.94
C LEU B 100 4.23 2.22 -12.84
N SER B 101 3.62 1.79 -11.75
CA SER B 101 4.35 1.18 -10.64
C SER B 101 5.05 -0.10 -11.07
N LEU B 102 4.63 -0.66 -12.20
CA LEU B 102 5.21 -1.89 -12.72
C LEU B 102 5.92 -1.64 -14.05
N ASP B 103 6.00 -0.37 -14.44
CA ASP B 103 6.60 0.01 -15.71
C ASP B 103 8.13 0.09 -15.71
N GLY B 104 8.74 0.04 -14.54
CA GLY B 104 10.19 0.11 -14.47
C GLY B 104 10.67 1.19 -13.51
N GLU B 105 11.76 1.87 -13.86
CA GLU B 105 12.28 2.91 -12.99
C GLU B 105 11.49 4.21 -13.07
N VAL B 106 10.42 4.28 -12.28
CA VAL B 106 9.56 5.45 -12.23
C VAL B 106 9.13 5.61 -10.77
N LYS B 107 9.13 6.84 -10.27
CA LYS B 107 8.73 7.08 -8.89
C LYS B 107 7.77 8.26 -8.75
N LEU B 108 6.67 8.03 -8.06
CA LEU B 108 5.69 9.09 -7.85
C LEU B 108 6.27 10.00 -6.77
N ILE B 109 6.59 11.23 -7.14
CA ILE B 109 7.18 12.19 -6.21
C ILE B 109 6.18 13.13 -5.58
N ASP B 110 5.17 13.53 -6.35
CA ASP B 110 4.18 14.45 -5.82
C ASP B 110 2.87 14.39 -6.58
N LEU B 111 1.81 14.88 -5.93
CA LEU B 111 0.48 14.93 -6.51
C LEU B 111 -0.06 16.30 -6.16
N THR B 112 -0.52 17.04 -7.15
CA THR B 112 -1.07 18.36 -6.87
C THR B 112 -2.56 18.28 -7.15
N PHE B 113 -3.36 18.32 -6.09
CA PHE B 113 -4.81 18.27 -6.21
C PHE B 113 -5.35 19.63 -6.61
N SER B 114 -6.44 19.64 -7.37
CA SER B 114 -7.05 20.90 -7.78
C SER B 114 -7.99 21.30 -6.65
N ASP B 115 -8.38 22.57 -6.62
CA ASP B 115 -9.28 23.06 -5.58
C ASP B 115 -10.58 22.27 -5.50
N GLU B 116 -11.18 21.99 -6.65
CA GLU B 116 -12.43 21.24 -6.67
C GLU B 116 -12.23 19.82 -6.13
N LEU B 117 -11.10 19.21 -6.48
CA LEU B 117 -10.81 17.85 -6.03
C LEU B 117 -10.64 17.82 -4.51
N LYS B 118 -9.90 18.80 -3.98
CA LYS B 118 -9.66 18.92 -2.54
C LYS B 118 -10.96 18.93 -1.75
N LYS B 119 -12.02 19.46 -2.35
CA LYS B 119 -13.32 19.51 -1.70
C LYS B 119 -13.83 18.13 -1.29
N HIS B 120 -13.30 17.09 -1.93
CA HIS B 120 -13.74 15.73 -1.63
C HIS B 120 -12.98 15.04 -0.50
N PHE B 121 -12.04 15.78 0.10
CA PHE B 121 -11.24 15.24 1.20
C PHE B 121 -11.45 16.09 2.46
N PRO B 122 -11.37 15.45 3.63
CA PRO B 122 -11.57 16.13 4.92
C PRO B 122 -10.43 16.96 5.53
N GLY B 123 -9.20 16.52 5.39
CA GLY B 123 -8.13 17.25 6.04
C GLY B 123 -8.30 16.93 7.52
N PRO B 124 -7.37 17.34 8.39
CA PRO B 124 -7.51 17.04 9.83
C PRO B 124 -8.80 17.57 10.49
N LYS B 125 -9.34 16.80 11.43
CA LYS B 125 -10.56 17.20 12.15
C LYS B 125 -10.21 18.29 13.16
N PHE B 126 -9.07 18.12 13.82
CA PHE B 126 -8.60 19.05 14.85
C PHE B 126 -7.46 19.93 14.39
N GLY B 127 -6.41 19.30 13.85
CA GLY B 127 -5.26 20.05 13.37
C GLY B 127 -4.53 20.73 14.51
N ILE B 128 -3.50 21.49 14.18
CA ILE B 128 -2.70 22.19 15.18
C ILE B 128 -3.53 22.98 16.20
N ASP B 129 -4.38 23.87 15.73
CA ASP B 129 -5.20 24.66 16.63
C ASP B 129 -6.12 23.81 17.48
N GLY B 130 -6.65 22.73 16.90
CA GLY B 130 -7.54 21.86 17.63
C GLY B 130 -6.84 21.09 18.73
N ILE B 131 -5.60 20.70 18.47
CA ILE B 131 -4.81 19.97 19.44
C ILE B 131 -4.43 20.89 20.59
N ARG B 132 -4.00 22.12 20.25
CA ARG B 132 -3.61 23.08 21.26
C ARG B 132 -4.78 23.45 22.17
N ASN B 133 -5.98 23.55 21.60
CA ASN B 133 -7.15 23.88 22.40
C ASN B 133 -7.49 22.75 23.37
N LEU B 134 -7.28 21.52 22.93
CA LEU B 134 -7.55 20.35 23.77
C LEU B 134 -6.63 20.36 24.99
N LEU B 135 -5.35 20.67 24.76
CA LEU B 135 -4.35 20.69 25.82
C LEU B 135 -4.28 22.02 26.57
N GLN B 136 -4.81 23.08 25.97
CA GLN B 136 -4.76 24.41 26.55
C GLN B 136 -3.29 24.81 26.61
N VAL B 137 -2.58 24.49 25.53
CA VAL B 137 -1.16 24.81 25.38
C VAL B 137 -1.08 25.50 24.02
N HIS B 138 -1.17 26.82 24.03
CA HIS B 138 -1.18 27.61 22.80
C HIS B 138 0.13 28.20 22.29
N ASP B 139 1.25 27.95 22.95
CA ASP B 139 2.49 28.57 22.50
C ASP B 139 3.65 27.68 22.07
N ARG B 140 4.29 27.04 23.06
CA ARG B 140 5.46 26.21 22.80
C ARG B 140 5.18 24.86 22.15
N PRO B 141 6.24 24.21 21.63
CA PRO B 141 6.04 22.91 21.00
C PRO B 141 5.58 21.92 22.07
N LEU B 142 4.88 20.86 21.65
CA LEU B 142 4.40 19.88 22.60
C LEU B 142 5.46 18.84 22.87
N LEU B 143 5.26 18.06 23.91
CA LEU B 143 6.20 17.02 24.30
C LEU B 143 5.46 15.68 24.38
N MET B 144 6.00 14.65 23.74
CA MET B 144 5.36 13.35 23.78
C MET B 144 6.36 12.29 24.20
N SER B 145 5.88 11.28 24.91
CA SER B 145 6.73 10.18 25.35
C SER B 145 5.99 8.87 25.10
N ILE B 146 6.72 7.75 25.15
CA ILE B 146 6.11 6.45 24.89
C ILE B 146 6.30 5.51 26.06
N PHE B 147 5.27 4.72 26.36
CA PHE B 147 5.37 3.75 27.43
C PHE B 147 6.60 2.89 27.10
N LYS B 148 7.28 2.40 28.13
CA LYS B 148 8.47 1.58 27.93
C LYS B 148 8.45 0.36 28.85
N GLY B 149 8.67 -0.81 28.25
CA GLY B 149 8.68 -2.05 29.02
C GLY B 149 7.31 -2.42 29.52
N MET B 150 6.28 -2.07 28.74
CA MET B 150 4.90 -2.34 29.11
C MET B 150 4.54 -3.81 28.94
N ILE B 151 5.19 -4.49 27.99
CA ILE B 151 4.92 -5.89 27.72
C ILE B 151 5.14 -6.79 28.93
N GLY B 152 4.14 -7.60 29.25
CA GLY B 152 4.23 -8.51 30.37
C GLY B 152 4.02 -7.83 31.72
N ARG B 153 3.45 -6.64 31.69
CA ARG B 153 3.20 -5.90 32.93
C ARG B 153 1.70 -5.80 33.22
N ASN B 154 1.35 -5.39 34.44
CA ASN B 154 -0.05 -5.25 34.84
C ASN B 154 -0.55 -3.81 34.69
N ILE B 155 -1.80 -3.59 35.08
CA ILE B 155 -2.41 -2.27 34.97
C ILE B 155 -1.80 -1.27 35.96
N GLY B 156 -1.55 -1.72 37.19
CA GLY B 156 -0.96 -0.86 38.19
C GLY B 156 0.38 -0.31 37.74
N TYR B 157 1.10 -1.10 36.95
CA TYR B 157 2.40 -0.68 36.44
C TYR B 157 2.21 0.42 35.40
N LEU B 158 1.21 0.25 34.55
CA LEU B 158 0.91 1.22 33.50
C LEU B 158 0.56 2.56 34.12
N LYS B 159 -0.35 2.54 35.09
CA LYS B 159 -0.78 3.75 35.78
C LYS B 159 0.40 4.50 36.37
N THR B 160 1.25 3.79 37.09
CA THR B 160 2.42 4.40 37.69
C THR B 160 3.31 5.07 36.66
N GLN B 161 3.59 4.38 35.56
CA GLN B 161 4.46 4.97 34.55
C GLN B 161 3.75 6.12 33.84
N LEU B 162 2.43 6.03 33.77
CA LEU B 162 1.63 7.07 33.13
C LEU B 162 1.69 8.33 34.02
N ARG B 163 1.47 8.15 35.32
CA ARG B 163 1.51 9.26 36.25
C ARG B 163 2.87 9.95 36.23
N ASP B 164 3.95 9.16 36.24
CA ASP B 164 5.29 9.73 36.22
C ASP B 164 5.57 10.57 34.97
N GLN B 165 5.11 10.11 33.82
CA GLN B 165 5.31 10.84 32.58
C GLN B 165 4.53 12.16 32.60
N ALA B 166 3.32 12.11 33.17
CA ALA B 166 2.45 13.29 33.26
C ALA B 166 3.07 14.32 34.22
N ILE B 167 3.35 13.89 35.45
CA ILE B 167 3.94 14.77 36.44
C ILE B 167 5.24 15.35 35.89
N GLY B 168 5.83 14.63 34.94
CA GLY B 168 7.06 15.10 34.32
C GLY B 168 6.78 16.18 33.29
N GLY B 169 5.53 16.50 33.07
CA GLY B 169 5.19 17.53 32.11
C GLY B 169 4.94 17.10 30.68
N VAL B 170 4.87 15.79 30.44
CA VAL B 170 4.63 15.30 29.07
C VAL B 170 3.19 15.67 28.69
N ASP B 171 3.01 16.17 27.48
CA ASP B 171 1.69 16.55 26.99
C ASP B 171 0.89 15.36 26.43
N ILE B 172 1.59 14.43 25.81
CA ILE B 172 0.95 13.25 25.21
C ILE B 172 1.73 11.97 25.46
N VAL B 173 1.05 10.95 25.97
CA VAL B 173 1.68 9.65 26.18
C VAL B 173 1.00 8.69 25.21
N LYS B 174 1.80 7.89 24.49
CA LYS B 174 1.23 6.95 23.53
C LYS B 174 1.73 5.53 23.76
N ASP B 175 0.98 4.55 23.26
CA ASP B 175 1.38 3.14 23.37
C ASP B 175 2.63 2.93 22.53
N ASP B 176 3.44 1.95 22.88
CA ASP B 176 4.65 1.68 22.10
C ASP B 176 4.21 0.90 20.86
N GLU B 177 5.13 0.67 19.94
CA GLU B 177 4.85 -0.03 18.69
C GLU B 177 4.59 -1.53 18.80
N ILE B 178 5.28 -2.20 19.72
CA ILE B 178 5.10 -3.62 19.89
C ILE B 178 4.25 -3.96 21.11
N LEU B 179 3.03 -4.43 20.86
CA LEU B 179 2.13 -4.81 21.93
C LEU B 179 1.57 -6.21 21.69
N PHE B 180 1.38 -6.97 22.77
CA PHE B 180 0.86 -8.32 22.65
C PHE B 180 -0.52 -8.43 23.29
N LEU B 184 -4.36 -8.96 28.06
CA LEU B 184 -3.96 -8.67 29.44
C LEU B 184 -4.43 -7.29 29.88
N THR B 185 -4.54 -6.36 28.91
CA THR B 185 -4.95 -4.99 29.20
C THR B 185 -5.95 -4.42 28.20
N PRO B 186 -7.22 -4.87 28.27
CA PRO B 186 -8.26 -4.38 27.34
C PRO B 186 -8.22 -2.87 27.12
N LEU B 187 -8.28 -2.47 25.85
CA LEU B 187 -8.26 -1.07 25.45
C LEU B 187 -9.15 -0.23 26.36
N THR B 188 -10.41 -0.64 26.49
CA THR B 188 -11.35 0.10 27.34
C THR B 188 -10.76 0.24 28.74
N LYS B 189 -9.95 -0.73 29.14
CA LYS B 189 -9.33 -0.74 30.46
C LYS B 189 -8.16 0.23 30.56
N ARG B 190 -7.24 0.17 29.60
CA ARG B 190 -6.10 1.09 29.59
C ARG B 190 -6.64 2.50 29.47
N ILE B 191 -7.71 2.65 28.70
CA ILE B 191 -8.33 3.94 28.48
C ILE B 191 -8.97 4.45 29.77
N VAL B 192 -9.84 3.64 30.36
CA VAL B 192 -10.50 4.03 31.60
C VAL B 192 -9.49 4.31 32.71
N SER B 193 -8.65 3.33 33.00
CA SER B 193 -7.64 3.48 34.05
C SER B 193 -6.68 4.62 33.76
N GLY B 194 -6.28 4.75 32.50
CA GLY B 194 -5.37 5.81 32.12
C GLY B 194 -6.04 7.16 32.35
N LYS B 195 -7.32 7.25 32.00
CA LYS B 195 -8.06 8.49 32.17
C LYS B 195 -8.04 8.87 33.64
N GLU B 196 -8.34 7.89 34.51
CA GLU B 196 -8.35 8.11 35.95
C GLU B 196 -7.04 8.74 36.40
N VAL B 197 -5.93 8.11 36.04
CA VAL B 197 -4.61 8.61 36.40
C VAL B 197 -4.41 10.06 35.93
N LEU B 198 -4.69 10.30 34.66
CA LEU B 198 -4.50 11.64 34.09
C LEU B 198 -5.39 12.73 34.68
N GLN B 199 -6.62 12.39 35.04
CA GLN B 199 -7.49 13.40 35.64
C GLN B 199 -6.93 13.76 37.02
N SER B 200 -6.39 12.76 37.71
CA SER B 200 -5.81 12.96 39.03
C SER B 200 -4.68 13.98 38.94
N VAL B 201 -3.78 13.78 37.98
CA VAL B 201 -2.67 14.70 37.79
C VAL B 201 -3.18 16.09 37.38
N TYR B 202 -4.24 16.12 36.57
CA TYR B 202 -4.79 17.40 36.15
C TYR B 202 -5.34 18.19 37.33
N GLU B 203 -6.12 17.52 38.18
CA GLU B 203 -6.71 18.20 39.32
C GLU B 203 -5.72 18.44 40.47
N THR B 204 -4.48 18.00 40.29
CA THR B 204 -3.45 18.19 41.31
C THR B 204 -2.37 19.18 40.88
N TYR B 205 -1.96 19.11 39.61
CA TYR B 205 -0.91 20.01 39.12
C TYR B 205 -1.42 20.97 38.05
N GLY B 206 -2.68 20.83 37.66
CA GLY B 206 -3.23 21.69 36.63
C GLY B 206 -2.60 21.45 35.26
N HIS B 207 -2.00 20.29 35.08
CA HIS B 207 -1.36 19.95 33.81
C HIS B 207 -2.19 18.92 33.03
N LYS B 208 -2.41 19.18 31.75
CA LYS B 208 -3.19 18.28 30.91
C LYS B 208 -2.33 17.33 30.09
N THR B 209 -2.60 16.04 30.21
CA THR B 209 -1.88 15.02 29.46
C THR B 209 -2.90 14.17 28.69
N LEU B 210 -2.60 13.89 27.43
CA LEU B 210 -3.48 13.09 26.59
C LEU B 210 -2.87 11.72 26.32
N TYR B 211 -3.71 10.69 26.33
CA TYR B 211 -3.25 9.33 26.10
C TYR B 211 -3.69 8.84 24.70
N ALA B 212 -2.71 8.62 23.83
CA ALA B 212 -2.96 8.14 22.47
C ALA B 212 -2.89 6.62 22.45
N VAL B 213 -4.03 5.97 22.29
CA VAL B 213 -4.13 4.51 22.27
C VAL B 213 -4.17 3.93 20.86
N ASN B 214 -3.44 2.85 20.65
CA ASN B 214 -3.37 2.22 19.35
C ASN B 214 -4.70 1.61 18.94
N LEU B 215 -5.18 1.99 17.77
CA LEU B 215 -6.44 1.46 17.26
C LEU B 215 -6.13 0.25 16.39
N THR B 216 -6.69 -0.91 16.74
CA THR B 216 -6.43 -2.12 15.97
C THR B 216 -7.70 -2.88 15.58
N GLY B 217 -7.51 -4.01 14.92
CA GLY B 217 -8.60 -4.84 14.48
C GLY B 217 -8.55 -4.96 12.97
N ARG B 218 -9.43 -5.75 12.37
CA ARG B 218 -9.41 -5.87 10.93
C ARG B 218 -10.11 -4.64 10.36
N THR B 219 -9.79 -4.31 9.11
CA THR B 219 -10.34 -3.13 8.47
C THR B 219 -11.82 -2.84 8.72
N PHE B 220 -12.69 -3.82 8.47
CA PHE B 220 -14.11 -3.58 8.64
C PHE B 220 -14.63 -3.57 10.07
N ASP B 221 -13.72 -3.59 11.04
CA ASP B 221 -14.14 -3.50 12.43
C ASP B 221 -13.59 -2.21 13.03
N LEU B 222 -12.74 -1.50 12.28
CA LEU B 222 -12.12 -0.27 12.79
C LEU B 222 -13.07 0.84 13.25
N LYS B 223 -14.09 1.15 12.48
CA LYS B 223 -14.99 2.23 12.88
C LYS B 223 -15.73 1.89 14.18
N GLU B 224 -16.28 0.68 14.27
CA GLU B 224 -16.97 0.25 15.48
C GLU B 224 -15.98 0.24 16.65
N ASN B 225 -14.76 -0.23 16.42
CA ASN B 225 -13.76 -0.27 17.48
C ASN B 225 -13.38 1.16 17.92
N ALA B 226 -13.23 2.06 16.95
CA ALA B 226 -12.87 3.44 17.24
C ALA B 226 -13.96 4.13 18.08
N LYS B 227 -15.21 3.88 17.73
CA LYS B 227 -16.32 4.49 18.46
C LYS B 227 -16.41 3.94 19.88
N ARG B 228 -16.08 2.67 20.05
CA ARG B 228 -16.10 2.08 21.38
C ARG B 228 -14.98 2.72 22.19
N ALA B 229 -13.82 2.93 21.56
CA ALA B 229 -12.69 3.56 22.25
C ALA B 229 -13.07 4.96 22.71
N VAL B 230 -13.76 5.70 21.85
CA VAL B 230 -14.20 7.06 22.17
C VAL B 230 -15.18 6.98 23.34
N GLN B 231 -16.16 6.11 23.23
CA GLN B 231 -17.15 5.93 24.28
C GLN B 231 -16.46 5.64 25.62
N ALA B 232 -15.35 4.94 25.58
CA ALA B 232 -14.63 4.60 26.81
C ALA B 232 -13.84 5.81 27.31
N GLY B 233 -13.70 6.82 26.45
CA GLY B 233 -12.98 8.02 26.85
C GLY B 233 -11.60 8.19 26.23
N ALA B 234 -11.40 7.62 25.03
CA ALA B 234 -10.10 7.75 24.37
C ALA B 234 -9.81 9.21 24.03
N ASP B 235 -8.57 9.65 24.24
CA ASP B 235 -8.17 11.03 23.95
C ASP B 235 -7.73 11.18 22.50
N ILE B 236 -6.86 10.27 22.08
CA ILE B 236 -6.32 10.26 20.73
C ILE B 236 -6.22 8.82 20.23
N LEU B 237 -6.48 8.64 18.94
CA LEU B 237 -6.39 7.31 18.35
C LEU B 237 -5.11 7.19 17.52
N LEU B 238 -4.22 6.32 17.95
CA LEU B 238 -2.95 6.05 17.28
C LEU B 238 -3.31 5.02 16.20
N PHE B 239 -2.90 5.28 14.96
CA PHE B 239 -3.28 4.39 13.86
C PHE B 239 -2.17 4.13 12.85
N ASN B 240 -1.87 2.85 12.63
CA ASN B 240 -0.87 2.45 11.64
C ASN B 240 -1.51 2.51 10.27
N VAL B 241 -1.65 3.73 9.75
CA VAL B 241 -2.27 3.97 8.46
C VAL B 241 -1.91 3.03 7.33
N PHE B 242 -0.61 2.88 7.08
CA PHE B 242 -0.16 2.07 5.98
C PHE B 242 -0.28 0.55 6.09
N ALA B 243 -0.82 0.08 7.20
CA ALA B 243 -1.05 -1.35 7.34
C ALA B 243 -2.49 -1.59 6.85
N TYR B 244 -3.27 -0.50 6.73
CA TYR B 244 -4.66 -0.58 6.28
C TYR B 244 -4.94 0.15 4.96
N GLY B 245 -4.46 1.39 4.86
CA GLY B 245 -4.66 2.19 3.67
C GLY B 245 -5.11 3.61 3.98
N LEU B 246 -4.66 4.55 3.18
CA LEU B 246 -5.02 5.95 3.36
C LEU B 246 -6.52 6.18 3.28
N ASP B 247 -7.21 5.41 2.44
CA ASP B 247 -8.65 5.56 2.30
C ASP B 247 -9.39 5.18 3.58
N VAL B 248 -8.79 4.28 4.36
CA VAL B 248 -9.41 3.86 5.61
C VAL B 248 -9.22 5.00 6.63
N LEU B 249 -8.03 5.57 6.67
CA LEU B 249 -7.76 6.68 7.57
C LEU B 249 -8.76 7.78 7.26
N GLN B 250 -8.97 8.03 5.97
CA GLN B 250 -9.91 9.07 5.54
C GLN B 250 -11.32 8.84 6.06
N SER B 251 -11.82 7.61 5.97
CA SER B 251 -13.16 7.31 6.46
C SER B 251 -13.29 7.53 7.96
N LEU B 252 -12.20 7.28 8.69
CA LEU B 252 -12.21 7.50 10.13
C LEU B 252 -12.27 9.00 10.39
N ALA B 253 -11.42 9.75 9.69
CA ALA B 253 -11.39 11.20 9.84
C ALA B 253 -12.72 11.86 9.45
N GLU B 254 -13.39 11.28 8.45
CA GLU B 254 -14.68 11.84 8.00
C GLU B 254 -15.85 11.47 8.91
N ASP B 255 -15.64 10.54 9.81
CA ASP B 255 -16.73 10.09 10.69
C ASP B 255 -16.91 11.01 11.90
N ASP B 256 -18.07 11.65 11.99
CA ASP B 256 -18.34 12.55 13.09
C ASP B 256 -18.57 11.82 14.39
N GLU B 257 -18.80 10.51 14.30
CA GLU B 257 -19.02 9.71 15.50
C GLU B 257 -17.68 9.26 16.09
N ILE B 258 -16.60 9.86 15.59
CA ILE B 258 -15.24 9.59 16.09
C ILE B 258 -14.65 10.98 16.32
N PRO B 259 -15.22 11.74 17.28
CA PRO B 259 -14.81 13.09 17.63
C PRO B 259 -13.49 13.23 18.39
N VAL B 260 -12.44 12.57 17.89
CA VAL B 260 -11.14 12.64 18.53
C VAL B 260 -10.02 12.74 17.49
N PRO B 261 -8.85 13.23 17.90
CA PRO B 261 -7.71 13.37 16.99
C PRO B 261 -7.13 12.02 16.61
N ILE B 262 -6.49 11.95 15.44
CA ILE B 262 -5.87 10.72 14.97
C ILE B 262 -4.38 10.96 14.75
N MET B 263 -3.57 10.11 15.36
CA MET B 263 -2.12 10.21 15.24
C MET B 263 -1.62 9.09 14.33
N ALA B 264 -1.02 9.47 13.20
CA ALA B 264 -0.53 8.47 12.25
C ALA B 264 0.89 7.99 12.52
N HIS B 265 1.05 6.67 12.50
CA HIS B 265 2.36 6.05 12.67
C HIS B 265 2.74 5.54 11.28
N PRO B 266 4.01 5.72 10.88
CA PRO B 266 4.52 5.31 9.57
C PRO B 266 4.82 3.84 9.30
N ALA B 267 4.56 2.95 10.27
CA ALA B 267 4.86 1.53 10.06
C ALA B 267 4.42 1.03 8.67
N VAL B 268 5.33 0.30 8.02
CA VAL B 268 5.12 -0.28 6.68
C VAL B 268 5.27 0.68 5.49
N SER B 269 5.08 1.98 5.73
CA SER B 269 5.18 2.95 4.65
C SER B 269 6.51 2.84 3.91
N GLY B 270 7.54 2.35 4.59
CA GLY B 270 8.84 2.20 3.97
C GLY B 270 8.81 1.23 2.79
N ALA B 271 7.84 0.33 2.80
CA ALA B 271 7.71 -0.63 1.72
C ALA B 271 7.44 0.13 0.43
N TYR B 272 6.87 1.33 0.55
CA TYR B 272 6.54 2.17 -0.60
C TYR B 272 7.66 3.14 -0.99
N SER B 273 8.25 3.77 0.03
CA SER B 273 9.24 4.81 -0.20
C SER B 273 10.73 4.61 0.06
N ALA B 274 11.14 3.40 0.43
CA ALA B 274 12.56 3.16 0.72
C ALA B 274 13.49 3.37 -0.46
N SER B 275 13.00 3.10 -1.67
CA SER B 275 13.82 3.24 -2.88
C SER B 275 13.87 4.65 -3.46
N LYS B 276 14.97 4.97 -4.14
CA LYS B 276 15.15 6.27 -4.76
C LYS B 276 14.75 6.19 -6.24
N LEU B 277 14.59 4.97 -6.74
CA LEU B 277 14.23 4.72 -8.12
C LEU B 277 12.76 4.33 -8.33
N TYR B 278 12.17 3.69 -7.32
CA TYR B 278 10.79 3.23 -7.43
C TYR B 278 9.90 3.71 -6.28
N GLY B 279 8.63 3.33 -6.36
CA GLY B 279 7.67 3.68 -5.31
C GLY B 279 7.05 5.06 -5.27
N VAL B 280 6.67 5.46 -4.07
CA VAL B 280 6.05 6.75 -3.83
C VAL B 280 6.92 7.43 -2.79
N SER B 281 7.23 8.71 -3.00
CA SER B 281 8.10 9.43 -2.06
C SER B 281 7.47 9.54 -0.67
N SER B 282 8.32 9.45 0.35
CA SER B 282 7.87 9.55 1.74
C SER B 282 7.16 10.87 2.05
N PRO B 283 7.70 12.00 1.56
CA PRO B 283 7.04 13.28 1.85
C PRO B 283 5.61 13.32 1.32
N LEU B 284 5.39 12.74 0.15
CA LEU B 284 4.06 12.70 -0.44
C LEU B 284 3.16 11.84 0.46
N LEU B 285 3.69 10.72 0.94
CA LEU B 285 2.94 9.80 1.79
C LEU B 285 2.69 10.28 3.22
N LEU B 286 3.78 10.46 3.96
CA LEU B 286 3.72 10.88 5.35
C LEU B 286 3.37 12.34 5.54
N GLY B 287 3.44 13.10 4.46
CA GLY B 287 3.13 14.52 4.55
C GLY B 287 1.81 14.91 3.93
N LYS B 288 1.79 15.10 2.62
CA LYS B 288 0.58 15.53 1.95
C LYS B 288 -0.63 14.61 2.07
N LEU B 289 -0.51 13.37 1.62
CA LEU B 289 -1.66 12.46 1.66
C LEU B 289 -2.22 12.26 3.07
N LEU B 290 -1.36 12.07 4.06
CA LEU B 290 -1.82 11.88 5.43
C LEU B 290 -2.62 13.10 5.90
N ARG B 291 -2.19 14.29 5.52
CA ARG B 291 -2.90 15.50 5.94
C ARG B 291 -4.25 15.58 5.26
N TYR B 292 -4.24 15.38 3.94
CA TYR B 292 -5.50 15.43 3.20
C TYR B 292 -6.46 14.37 3.74
N ALA B 293 -5.93 13.18 4.01
CA ALA B 293 -6.76 12.08 4.51
C ALA B 293 -7.29 12.31 5.93
N GLY B 294 -6.70 13.27 6.63
CA GLY B 294 -7.19 13.60 7.96
C GLY B 294 -6.36 13.31 9.20
N ALA B 295 -5.08 13.01 9.05
CA ALA B 295 -4.24 12.73 10.19
C ALA B 295 -3.89 14.04 10.92
N ASP B 296 -4.18 14.09 12.22
CA ASP B 296 -3.90 15.27 13.02
C ASP B 296 -2.43 15.35 13.41
N PHE B 297 -1.79 14.18 13.50
CA PHE B 297 -0.37 14.09 13.82
C PHE B 297 0.24 13.13 12.82
N SER B 298 1.46 13.40 12.41
CA SER B 298 2.16 12.50 11.51
C SER B 298 3.57 12.24 12.03
N LEU B 299 3.82 11.01 12.45
CA LEU B 299 5.12 10.63 12.94
C LEU B 299 5.99 10.17 11.77
N PHE B 300 7.23 10.66 11.74
CA PHE B 300 8.17 10.32 10.68
C PHE B 300 9.60 10.40 11.21
N PRO B 301 10.52 9.62 10.61
CA PRO B 301 11.92 9.62 11.05
C PRO B 301 12.51 11.02 11.07
N SER B 302 13.20 11.37 12.15
CA SER B 302 13.80 12.69 12.29
C SER B 302 15.14 12.77 11.56
N PRO B 303 15.52 13.99 11.17
CA PRO B 303 16.80 14.19 10.46
C PRO B 303 17.98 14.14 11.42
N TYR B 304 17.74 13.71 12.65
CA TYR B 304 18.82 13.63 13.65
C TYR B 304 19.17 12.19 13.95
N LYS B 311 16.97 13.57 5.74
CA LYS B 311 17.10 14.85 6.40
C LYS B 311 16.28 15.89 5.63
N GLU B 312 16.43 15.89 4.32
CA GLU B 312 15.70 16.83 3.48
C GLU B 312 14.26 16.34 3.30
N GLU B 313 14.05 15.04 3.49
CA GLU B 313 12.71 14.47 3.36
C GLU B 313 11.91 14.85 4.60
N ALA B 314 12.59 14.89 5.74
CA ALA B 314 11.94 15.24 7.01
C ALA B 314 11.34 16.63 6.91
N LEU B 315 12.08 17.56 6.32
CA LEU B 315 11.61 18.92 6.17
C LEU B 315 10.50 19.01 5.12
N ALA B 316 10.66 18.26 4.04
CA ALA B 316 9.65 18.24 2.97
C ALA B 316 8.32 17.77 3.56
N ILE B 317 8.38 16.72 4.38
CA ILE B 317 7.18 16.19 5.02
C ILE B 317 6.55 17.28 5.88
N SER B 318 7.36 17.86 6.75
CA SER B 318 6.87 18.92 7.63
C SER B 318 6.24 20.04 6.81
N LYS B 319 6.86 20.39 5.70
CA LYS B 319 6.35 21.44 4.83
C LYS B 319 4.93 21.14 4.34
N TYR B 320 4.70 19.90 3.89
CA TYR B 320 3.36 19.55 3.40
C TYR B 320 2.33 19.55 4.52
N LEU B 321 2.76 19.17 5.72
CA LEU B 321 1.86 19.13 6.86
C LEU B 321 1.42 20.51 7.32
N THR B 322 2.33 21.47 7.19
CA THR B 322 2.07 22.82 7.64
C THR B 322 1.80 23.89 6.59
N GLU B 323 2.19 23.66 5.34
CA GLU B 323 1.98 24.69 4.31
C GLU B 323 0.52 25.14 4.24
N ASP B 324 0.32 26.44 4.13
CA ASP B 324 -1.01 26.99 4.07
C ASP B 324 -1.85 26.41 2.94
N ASP B 325 -3.12 26.15 3.25
CA ASP B 325 -4.07 25.57 2.30
C ASP B 325 -5.45 25.89 2.85
N ALA B 326 -6.25 26.61 2.07
CA ALA B 326 -7.59 27.00 2.51
C ALA B 326 -8.57 25.84 2.64
N SER B 327 -8.20 24.69 2.09
CA SER B 327 -9.07 23.51 2.13
C SER B 327 -8.86 22.64 3.36
N PHE B 328 -7.66 22.64 3.92
CA PHE B 328 -7.36 21.79 5.06
C PHE B 328 -6.62 22.43 6.22
N LYS B 329 -6.96 21.99 7.43
CA LYS B 329 -6.29 22.45 8.63
C LYS B 329 -4.89 21.87 8.55
N LYS B 330 -3.97 22.40 9.35
CA LYS B 330 -2.60 21.91 9.34
C LYS B 330 -2.43 20.77 10.32
N SER B 331 -1.44 19.92 10.07
CA SER B 331 -1.17 18.78 10.94
C SER B 331 0.11 19.01 11.75
N PHE B 332 0.21 18.36 12.89
CA PHE B 332 1.38 18.46 13.75
C PHE B 332 2.49 17.55 13.25
N SER B 333 3.67 18.11 13.06
CA SER B 333 4.81 17.33 12.61
C SER B 333 5.38 16.64 13.85
N VAL B 334 5.78 15.38 13.71
CA VAL B 334 6.34 14.67 14.85
C VAL B 334 7.61 13.90 14.47
N PRO B 335 8.74 14.62 14.33
CA PRO B 335 10.00 13.96 13.98
C PRO B 335 10.27 12.91 15.04
N SER B 336 10.75 11.74 14.65
CA SER B 336 10.97 10.68 15.64
C SER B 336 12.33 10.00 15.50
N ALA B 337 12.79 9.43 16.62
CA ALA B 337 14.06 8.71 16.72
C ALA B 337 15.29 9.60 16.96
N GLY B 338 16.18 9.11 17.80
CA GLY B 338 17.41 9.82 18.12
C GLY B 338 17.22 11.21 18.69
N ILE B 339 16.23 11.36 19.56
CA ILE B 339 15.94 12.66 20.16
C ILE B 339 16.07 12.68 21.68
N HIS B 340 16.81 13.67 22.18
CA HIS B 340 17.00 13.86 23.61
C HIS B 340 16.98 15.36 23.85
N PRO B 341 16.80 15.79 25.11
CA PRO B 341 16.77 17.22 25.45
C PRO B 341 17.74 18.11 24.69
N GLY B 342 18.95 17.61 24.44
CA GLY B 342 19.93 18.40 23.73
C GLY B 342 19.52 18.86 22.34
N PHE B 343 18.69 18.07 21.68
CA PHE B 343 18.23 18.37 20.32
C PHE B 343 17.06 19.36 20.23
N VAL B 344 16.38 19.61 21.35
CA VAL B 344 15.24 20.52 21.34
C VAL B 344 15.51 21.82 20.58
N PRO B 345 16.67 22.46 20.80
CA PRO B 345 16.97 23.70 20.08
C PRO B 345 16.97 23.48 18.57
N PHE B 346 17.49 22.33 18.15
CA PHE B 346 17.55 21.97 16.73
C PHE B 346 16.14 21.78 16.15
N ILE B 347 15.33 20.97 16.81
CA ILE B 347 13.98 20.68 16.36
C ILE B 347 13.15 21.96 16.16
N VAL B 348 13.18 22.85 17.14
CA VAL B 348 12.43 24.10 17.04
C VAL B 348 12.98 24.91 15.86
N ARG B 349 14.28 24.77 15.61
CA ARG B 349 14.93 25.48 14.52
C ARG B 349 14.46 24.93 13.18
N ASP B 350 14.48 23.61 13.04
CA ASP B 350 14.07 22.96 11.80
C ASP B 350 12.57 22.84 11.59
N PHE B 351 11.80 22.82 12.68
CA PHE B 351 10.35 22.65 12.55
C PHE B 351 9.48 23.74 13.15
N GLY B 352 10.09 24.71 13.82
CA GLY B 352 9.31 25.78 14.42
C GLY B 352 8.66 25.38 15.73
N LYS B 353 7.74 26.20 16.22
CA LYS B 353 7.07 25.90 17.49
C LYS B 353 5.89 24.93 17.38
N ASP B 354 5.28 24.86 16.20
CA ASP B 354 4.15 23.94 16.03
C ASP B 354 4.67 22.57 15.59
N VAL B 355 5.37 21.94 16.52
CA VAL B 355 5.96 20.63 16.31
C VAL B 355 5.86 19.85 17.61
N VAL B 356 5.83 18.54 17.51
CA VAL B 356 5.77 17.71 18.70
C VAL B 356 7.15 17.14 18.96
N ILE B 357 7.66 17.35 20.16
CA ILE B 357 8.97 16.83 20.54
C ILE B 357 8.77 15.40 21.00
N ASN B 358 9.16 14.44 20.16
CA ASN B 358 8.99 13.03 20.49
C ASN B 358 10.15 12.49 21.29
N ALA B 359 9.98 12.41 22.61
CA ALA B 359 11.04 11.91 23.48
C ALA B 359 11.16 10.40 23.38
N GLY B 360 10.26 9.79 22.61
CA GLY B 360 10.30 8.34 22.46
C GLY B 360 10.23 7.71 23.84
N GLY B 361 10.92 6.59 24.02
CA GLY B 361 10.92 5.94 25.32
C GLY B 361 12.20 6.31 26.04
N GLY B 362 12.89 7.33 25.53
CA GLY B 362 14.14 7.76 26.11
C GLY B 362 14.06 8.49 27.43
N ILE B 363 12.88 8.95 27.82
CA ILE B 363 12.72 9.66 29.09
C ILE B 363 12.91 8.71 30.26
N HIS B 364 12.49 7.46 30.09
CA HIS B 364 12.62 6.47 31.15
C HIS B 364 14.07 6.16 31.47
N GLY B 365 14.97 6.57 30.59
CA GLY B 365 16.39 6.32 30.80
C GLY B 365 17.05 7.36 31.68
N HIS B 366 16.36 8.49 31.87
CA HIS B 366 16.88 9.57 32.69
C HIS B 366 17.21 9.05 34.09
N PRO B 367 18.36 9.47 34.64
CA PRO B 367 18.79 9.03 35.97
C PRO B 367 17.73 9.25 37.05
N ASN B 368 16.85 10.23 36.82
CA ASN B 368 15.79 10.51 37.78
C ASN B 368 14.44 10.05 37.26
N GLY B 369 14.47 8.97 36.47
CA GLY B 369 13.24 8.41 35.94
C GLY B 369 12.51 9.27 34.92
N ALA B 370 11.27 8.89 34.63
CA ALA B 370 10.45 9.60 33.67
C ALA B 370 10.08 11.01 34.15
N GLN B 371 9.81 11.14 35.45
CA GLN B 371 9.46 12.45 35.98
C GLN B 371 10.61 13.41 35.71
N GLY B 372 11.84 12.94 35.94
CA GLY B 372 13.00 13.78 35.71
C GLY B 372 13.31 13.98 34.23
N GLY B 373 13.00 12.98 33.42
CA GLY B 373 13.25 13.08 31.99
C GLY B 373 12.29 14.05 31.35
N GLY B 374 11.03 14.03 31.80
CA GLY B 374 10.04 14.94 31.26
C GLY B 374 10.43 16.37 31.60
N LYS B 375 10.77 16.61 32.87
CA LYS B 375 11.15 17.93 33.33
C LYS B 375 12.30 18.46 32.47
N ALA B 376 13.26 17.59 32.17
CA ALA B 376 14.40 17.99 31.35
C ALA B 376 13.90 18.57 30.03
N PHE B 377 13.03 17.85 29.33
CA PHE B 377 12.49 18.31 28.06
C PHE B 377 11.71 19.63 28.21
N ARG B 378 10.83 19.68 29.21
CA ARG B 378 10.01 20.87 29.45
C ARG B 378 10.88 22.09 29.77
N THR B 379 11.99 21.87 30.47
CA THR B 379 12.88 22.97 30.81
C THR B 379 13.64 23.35 29.54
N ALA B 380 14.00 22.35 28.75
CA ALA B 380 14.74 22.57 27.51
C ALA B 380 13.95 23.38 26.50
N ILE B 381 12.65 23.12 26.38
CA ILE B 381 11.83 23.87 25.43
C ILE B 381 11.57 25.30 25.89
N ASP B 382 11.31 25.49 27.18
CA ASP B 382 11.07 26.84 27.67
C ASP B 382 12.33 27.68 27.49
N ALA B 383 13.49 27.06 27.70
CA ALA B 383 14.76 27.76 27.54
C ALA B 383 15.00 28.10 26.08
N THR B 384 14.78 27.13 25.19
CA THR B 384 14.99 27.33 23.76
C THR B 384 14.12 28.46 23.21
N LEU B 385 12.93 28.63 23.77
CA LEU B 385 12.03 29.68 23.31
C LEU B 385 12.50 31.03 23.83
N GLN B 386 13.38 30.99 24.82
CA GLN B 386 13.93 32.22 25.41
C GLN B 386 15.28 32.48 24.76
N ASN B 387 15.62 31.67 23.77
CA ASN B 387 16.87 31.79 23.02
C ASN B 387 18.12 31.51 23.85
N LYS B 388 17.97 31.39 25.16
CA LYS B 388 19.13 31.13 26.02
C LYS B 388 19.67 29.71 25.85
N PRO B 389 20.96 29.57 25.56
CA PRO B 389 21.62 28.27 25.38
C PRO B 389 21.36 27.31 26.53
N LEU B 390 21.25 26.02 26.22
CA LEU B 390 21.00 25.01 27.23
C LEU B 390 22.19 24.79 28.16
N HIS B 391 23.39 25.07 27.67
CA HIS B 391 24.58 24.88 28.50
C HIS B 391 24.57 25.85 29.68
N GLU B 392 24.07 27.07 29.44
CA GLU B 392 24.02 28.07 30.49
C GLU B 392 22.68 28.05 31.23
N VAL B 393 22.16 26.86 31.47
CA VAL B 393 20.89 26.69 32.17
C VAL B 393 21.15 25.95 33.49
N ASP B 394 20.89 26.63 34.60
CA ASP B 394 21.11 26.04 35.92
C ASP B 394 19.96 25.11 36.32
N ASP B 395 19.91 23.94 35.68
CA ASP B 395 18.87 22.94 35.95
C ASP B 395 19.52 21.56 36.02
N ILE B 396 19.47 20.93 37.19
CA ILE B 396 20.08 19.61 37.36
C ILE B 396 19.53 18.53 36.44
N ASN B 397 18.20 18.41 36.37
CA ASN B 397 17.58 17.41 35.52
C ASN B 397 18.06 17.58 34.08
N LEU B 398 18.03 18.82 33.59
CA LEU B 398 18.46 19.11 32.23
C LEU B 398 19.96 18.89 32.07
N HIS B 399 20.71 19.22 33.11
CA HIS B 399 22.16 19.06 33.08
C HIS B 399 22.58 17.60 32.99
N SER B 400 21.98 16.75 33.83
CA SER B 400 22.32 15.34 33.81
C SER B 400 21.89 14.71 32.50
N ALA B 401 20.95 15.35 31.81
CA ALA B 401 20.48 14.84 30.53
C ALA B 401 21.54 15.13 29.48
N LEU B 402 21.92 16.40 29.37
CA LEU B 402 22.93 16.82 28.42
C LEU B 402 24.27 16.17 28.73
N GLN B 403 24.42 15.68 29.95
CA GLN B 403 25.66 15.04 30.39
C GLN B 403 25.68 13.56 30.02
N ILE B 404 24.50 12.98 29.83
CA ILE B 404 24.39 11.56 29.47
C ILE B 404 24.15 11.36 27.99
N TRP B 405 23.44 12.30 27.37
CA TRP B 405 23.10 12.22 25.96
C TRP B 405 23.97 13.13 25.09
N GLY B 406 24.53 14.17 25.68
CA GLY B 406 25.37 15.09 24.94
C GLY B 406 24.64 16.37 24.58
#